data_4GD4
#
_entry.id   4GD4
#
_cell.length_a   100.750
_cell.length_b   150.030
_cell.length_c   57.490
_cell.angle_alpha   90.00
_cell.angle_beta   90.00
_cell.angle_gamma   90.00
#
_symmetry.space_group_name_H-M   'P 21 21 2'
#
loop_
_entity.id
_entity.type
_entity.pdbx_description
1 polymer 'Lysine-specific demethylase 4A'
2 non-polymer 'NICKEL (II) ION'
3 non-polymer 'ZINC ION'
4 non-polymer 'CHLORIDE ION'
5 non-polymer '2-(1H-pyrazol-3-yl)pyridine-4-carboxylic acid'
6 water water
#
_entity_poly.entity_id   1
_entity_poly.type   'polypeptide(L)'
_entity_poly.pdbx_seq_one_letter_code
;MHHHHHHSSGVDLGTENLYFQSMASESETLNPSARIMTFYPTMEEFRNFSRYIAYIESQGAHRAGLAKVVPPKEWKPRAS
YDDIDDLVIPAPIQQLVTGQSGLFTQYNIQKKAMTVREFRKIANSDKYCTPRYSEFEELERKYWKNLTFNPPIYGADVNG
TLYEKHVDEWNIGRLRTILDLVEKESGITIEGVNTPYLYFGMWKTSFAWHTEDMDLYSINYLHFGEPKSWYSVPPEHGKR
LERLAKGFFPGSAQSCEAFLRHKMTLISPLMLKKYGIPFDKVTQEAGEFMITFPYGYHAGFNHGFNCAESTNFATRRWIE
YGKQAVLCSCRKDMVKISMDVFVRKFQPERYKLWKAGKDNTVIDHTLPTPEAAEFLKESEL
;
_entity_poly.pdbx_strand_id   A,B
#
# COMPACT_ATOMS: atom_id res chain seq x y z
N SER A 27 1.86 -22.61 -3.68
CA SER A 27 0.90 -21.54 -4.00
C SER A 27 1.55 -20.17 -3.77
N GLU A 28 2.10 -19.94 -2.55
CA GLU A 28 2.78 -18.70 -2.15
C GLU A 28 4.27 -18.76 -2.59
N THR A 29 4.55 -19.54 -3.66
CA THR A 29 5.88 -19.77 -4.25
C THR A 29 5.90 -19.34 -5.76
N LEU A 30 4.74 -19.44 -6.46
CA LEU A 30 4.50 -19.05 -7.87
C LEU A 30 4.12 -17.55 -7.91
N ASN A 31 4.72 -16.76 -8.85
CA ASN A 31 4.58 -15.30 -9.01
C ASN A 31 4.60 -14.57 -7.61
N PRO A 32 5.72 -14.70 -6.83
CA PRO A 32 5.74 -14.09 -5.48
C PRO A 32 5.69 -12.55 -5.49
N SER A 33 6.15 -11.93 -6.61
CA SER A 33 6.14 -10.48 -6.86
C SER A 33 4.70 -10.01 -7.20
N ALA A 34 3.81 -10.98 -7.57
CA ALA A 34 2.40 -10.79 -7.94
C ALA A 34 2.29 -9.81 -9.13
N ARG A 35 3.20 -9.96 -10.13
CA ARG A 35 3.24 -9.09 -11.31
C ARG A 35 2.29 -9.61 -12.40
N ILE A 36 1.77 -8.69 -13.25
CA ILE A 36 0.88 -9.03 -14.37
C ILE A 36 1.67 -9.91 -15.32
N MET A 37 1.14 -11.12 -15.58
CA MET A 37 1.75 -12.09 -16.48
C MET A 37 1.07 -12.06 -17.83
N THR A 38 1.83 -12.35 -18.89
CA THR A 38 1.40 -12.41 -20.29
C THR A 38 1.64 -13.83 -20.78
N PHE A 39 0.62 -14.42 -21.44
CA PHE A 39 0.67 -15.79 -21.94
C PHE A 39 0.44 -15.82 -23.45
N TYR A 40 1.14 -16.75 -24.10
CA TYR A 40 1.09 -16.97 -25.55
C TYR A 40 0.70 -18.43 -25.82
N PRO A 41 -0.59 -18.81 -25.60
CA PRO A 41 -0.97 -20.20 -25.82
C PRO A 41 -0.86 -20.63 -27.28
N THR A 42 -0.59 -21.93 -27.51
CA THR A 42 -0.62 -22.54 -28.83
C THR A 42 -2.10 -22.70 -29.17
N MET A 43 -2.43 -23.11 -30.41
CA MET A 43 -3.84 -23.29 -30.79
C MET A 43 -4.49 -24.41 -29.95
N GLU A 44 -3.72 -25.48 -29.64
CA GLU A 44 -4.15 -26.63 -28.84
C GLU A 44 -4.46 -26.23 -27.39
N GLU A 45 -3.65 -25.32 -26.82
CA GLU A 45 -3.83 -24.83 -25.45
C GLU A 45 -5.04 -23.89 -25.37
N PHE A 46 -5.19 -23.04 -26.39
CA PHE A 46 -6.22 -22.03 -26.52
C PHE A 46 -7.65 -22.60 -26.63
N ARG A 47 -7.80 -23.79 -27.24
CA ARG A 47 -9.09 -24.41 -27.49
C ARG A 47 -9.93 -24.64 -26.23
N ASN A 48 -9.33 -25.13 -25.12
CA ASN A 48 -10.10 -25.36 -23.89
C ASN A 48 -9.92 -24.17 -22.95
N PHE A 49 -10.93 -23.26 -22.92
CA PHE A 49 -10.95 -22.02 -22.14
C PHE A 49 -10.70 -22.24 -20.63
N SER A 50 -11.55 -23.06 -19.97
CA SER A 50 -11.52 -23.35 -18.53
C SER A 50 -10.19 -23.96 -18.11
N ARG A 51 -9.67 -24.88 -18.93
CA ARG A 51 -8.40 -25.55 -18.72
C ARG A 51 -7.25 -24.54 -18.80
N TYR A 52 -7.32 -23.58 -19.75
CA TYR A 52 -6.26 -22.58 -19.86
C TYR A 52 -6.28 -21.59 -18.68
N ILE A 53 -7.46 -21.30 -18.10
CA ILE A 53 -7.54 -20.44 -16.91
C ILE A 53 -6.90 -21.21 -15.73
N ALA A 54 -7.19 -22.51 -15.61
CA ALA A 54 -6.62 -23.39 -14.59
C ALA A 54 -5.09 -23.40 -14.71
N TYR A 55 -4.56 -23.49 -15.96
CA TYR A 55 -3.12 -23.46 -16.25
C TYR A 55 -2.46 -22.14 -15.82
N ILE A 56 -3.02 -20.99 -16.20
CA ILE A 56 -2.41 -19.69 -15.88
C ILE A 56 -2.42 -19.45 -14.34
N GLU A 57 -3.44 -19.99 -13.65
CA GLU A 57 -3.49 -19.96 -12.19
C GLU A 57 -2.40 -20.87 -11.58
N SER A 58 -2.03 -21.99 -12.25
CA SER A 58 -0.97 -22.89 -11.76
C SER A 58 0.42 -22.20 -11.88
N GLN A 59 0.50 -21.13 -12.71
CA GLN A 59 1.68 -20.29 -12.94
C GLN A 59 1.64 -19.04 -12.05
N GLY A 60 0.57 -18.88 -11.26
CA GLY A 60 0.38 -17.79 -10.33
C GLY A 60 -0.16 -16.50 -10.95
N ALA A 61 -0.69 -16.55 -12.19
CA ALA A 61 -1.25 -15.36 -12.89
C ALA A 61 -2.32 -14.62 -12.07
N HIS A 62 -3.15 -15.36 -11.31
CA HIS A 62 -4.24 -14.78 -10.51
C HIS A 62 -3.75 -13.86 -9.40
N ARG A 63 -2.49 -14.04 -8.92
CA ARG A 63 -1.92 -13.28 -7.82
C ARG A 63 -1.84 -11.79 -8.11
N ALA A 64 -1.70 -11.41 -9.38
CA ALA A 64 -1.69 -9.99 -9.74
C ALA A 64 -3.11 -9.39 -9.85
N GLY A 65 -4.13 -10.27 -10.02
CA GLY A 65 -5.53 -9.90 -10.20
C GLY A 65 -5.91 -9.62 -11.65
N LEU A 66 -4.90 -9.61 -12.53
CA LEU A 66 -5.00 -9.31 -13.95
C LEU A 66 -3.91 -10.05 -14.75
N ALA A 67 -4.27 -10.56 -15.93
CA ALA A 67 -3.36 -11.29 -16.82
C ALA A 67 -3.73 -11.02 -18.25
N LYS A 68 -2.72 -10.99 -19.14
CA LYS A 68 -2.90 -10.81 -20.57
C LYS A 68 -2.70 -12.15 -21.24
N VAL A 69 -3.58 -12.43 -22.22
CA VAL A 69 -3.50 -13.65 -23.02
C VAL A 69 -3.49 -13.24 -24.47
N VAL A 70 -2.38 -13.54 -25.14
CA VAL A 70 -2.24 -13.23 -26.56
C VAL A 70 -2.69 -14.48 -27.35
N PRO A 71 -3.81 -14.42 -28.10
CA PRO A 71 -4.29 -15.63 -28.80
C PRO A 71 -3.36 -16.07 -29.95
N PRO A 72 -3.41 -17.36 -30.38
CA PRO A 72 -2.56 -17.78 -31.51
C PRO A 72 -2.76 -16.89 -32.74
N LYS A 73 -1.66 -16.59 -33.47
CA LYS A 73 -1.61 -15.69 -34.64
C LYS A 73 -2.75 -15.95 -35.66
N GLU A 74 -3.04 -17.22 -35.96
CA GLU A 74 -4.06 -17.66 -36.92
C GLU A 74 -5.51 -17.56 -36.38
N TRP A 75 -5.70 -17.23 -35.09
CA TRP A 75 -7.04 -17.12 -34.53
C TRP A 75 -7.59 -15.71 -34.73
N LYS A 76 -8.85 -15.64 -35.20
CA LYS A 76 -9.62 -14.43 -35.45
C LYS A 76 -11.09 -14.67 -35.05
N PRO A 77 -11.74 -13.82 -34.23
CA PRO A 77 -13.15 -14.09 -33.86
C PRO A 77 -14.18 -13.63 -34.90
N ARG A 78 -13.74 -12.81 -35.86
CA ARG A 78 -14.55 -12.22 -36.91
C ARG A 78 -13.69 -12.00 -38.17
N ALA A 79 -14.30 -12.17 -39.35
CA ALA A 79 -13.61 -11.99 -40.63
C ALA A 79 -13.21 -10.53 -40.86
N SER A 80 -14.14 -9.58 -40.60
CA SER A 80 -13.90 -8.13 -40.78
C SER A 80 -14.85 -7.28 -39.92
N TYR A 81 -14.42 -6.05 -39.61
CA TYR A 81 -15.18 -5.08 -38.81
C TYR A 81 -15.63 -3.88 -39.70
N ASP A 82 -15.92 -4.17 -40.97
CA ASP A 82 -16.32 -3.14 -41.92
C ASP A 82 -17.86 -3.03 -42.05
N ASP A 83 -18.61 -3.93 -41.40
CA ASP A 83 -20.08 -3.96 -41.44
C ASP A 83 -20.73 -3.47 -40.14
N ILE A 84 -19.96 -2.84 -39.23
CA ILE A 84 -20.50 -2.46 -37.92
C ILE A 84 -20.70 -0.95 -37.73
N ASP A 85 -20.44 -0.09 -38.73
CA ASP A 85 -20.64 1.36 -38.60
C ASP A 85 -22.13 1.74 -38.38
N ASP A 86 -23.06 0.85 -38.74
CA ASP A 86 -24.50 1.08 -38.62
C ASP A 86 -25.08 0.52 -37.32
N LEU A 87 -24.26 -0.16 -36.49
CA LEU A 87 -24.61 -0.68 -35.16
C LEU A 87 -24.90 0.52 -34.22
N VAL A 88 -26.02 0.43 -33.45
CA VAL A 88 -26.49 1.47 -32.52
C VAL A 88 -25.90 1.27 -31.12
N ILE A 89 -25.45 2.40 -30.54
CA ILE A 89 -25.00 2.59 -29.17
C ILE A 89 -26.23 3.23 -28.52
N PRO A 90 -27.13 2.43 -27.91
CA PRO A 90 -28.40 2.98 -27.39
C PRO A 90 -28.27 4.01 -26.25
N ALA A 91 -27.23 3.91 -25.43
CA ALA A 91 -27.05 4.76 -24.26
C ALA A 91 -25.60 5.27 -24.13
N PRO A 92 -25.13 6.17 -25.03
CA PRO A 92 -23.77 6.73 -24.89
C PRO A 92 -23.67 7.53 -23.60
N ILE A 93 -22.48 7.53 -23.01
CA ILE A 93 -22.29 8.17 -21.70
C ILE A 93 -21.23 9.24 -21.78
N GLN A 94 -21.60 10.49 -21.45
CA GLN A 94 -20.64 11.57 -21.34
C GLN A 94 -20.01 11.47 -19.92
N GLN A 95 -18.67 11.38 -19.84
CA GLN A 95 -17.97 11.17 -18.55
C GLN A 95 -17.42 12.46 -17.97
N LEU A 96 -18.15 13.01 -16.98
CA LEU A 96 -17.74 14.21 -16.26
C LEU A 96 -16.96 13.80 -15.03
N VAL A 97 -15.73 14.32 -14.92
CA VAL A 97 -14.82 13.93 -13.86
C VAL A 97 -14.49 15.16 -13.03
N THR A 98 -14.64 15.04 -11.70
CA THR A 98 -14.37 16.09 -10.74
C THR A 98 -13.35 15.60 -9.75
N GLY A 99 -12.41 16.46 -9.41
CA GLY A 99 -11.39 16.13 -8.42
C GLY A 99 -10.07 16.82 -8.64
N GLN A 100 -9.09 16.48 -7.81
CA GLN A 100 -7.74 17.06 -7.81
C GLN A 100 -6.80 16.13 -7.05
N SER A 101 -5.47 16.38 -7.11
CA SER A 101 -4.42 15.66 -6.37
C SER A 101 -4.54 14.13 -6.49
N GLY A 102 -4.82 13.66 -7.70
CA GLY A 102 -4.96 12.25 -8.01
C GLY A 102 -6.20 11.53 -7.54
N LEU A 103 -7.19 12.24 -6.97
CA LEU A 103 -8.45 11.64 -6.45
C LEU A 103 -9.62 12.25 -7.19
N PHE A 104 -10.43 11.42 -7.86
CA PHE A 104 -11.53 11.90 -8.67
C PHE A 104 -12.79 11.07 -8.55
N THR A 105 -13.95 11.70 -8.87
CA THR A 105 -15.26 11.07 -8.96
C THR A 105 -15.77 11.32 -10.38
N GLN A 106 -16.19 10.25 -11.06
CA GLN A 106 -16.74 10.26 -12.41
C GLN A 106 -18.27 10.20 -12.37
N TYR A 107 -18.90 11.18 -13.03
CA TYR A 107 -20.36 11.29 -13.12
C TYR A 107 -20.76 11.03 -14.53
N ASN A 108 -21.72 10.12 -14.73
CA ASN A 108 -22.22 9.75 -16.05
C ASN A 108 -23.40 10.57 -16.47
N ILE A 109 -23.33 11.11 -17.68
CA ILE A 109 -24.42 11.87 -18.27
C ILE A 109 -24.83 11.09 -19.46
N GLN A 110 -26.02 10.45 -19.43
CA GLN A 110 -26.51 9.70 -20.59
C GLN A 110 -26.90 10.64 -21.69
N LYS A 111 -26.39 10.34 -22.90
CA LYS A 111 -26.67 11.10 -24.10
C LYS A 111 -27.58 10.27 -25.02
N LYS A 112 -28.13 10.88 -26.07
CA LYS A 112 -29.03 10.24 -27.03
C LYS A 112 -28.32 9.14 -27.82
N ALA A 113 -29.10 8.14 -28.29
CA ALA A 113 -28.62 7.01 -29.10
C ALA A 113 -27.86 7.47 -30.34
N MET A 114 -26.78 6.78 -30.69
CA MET A 114 -25.98 7.10 -31.86
C MET A 114 -25.40 5.82 -32.44
N THR A 115 -25.10 5.82 -33.74
CA THR A 115 -24.53 4.68 -34.45
C THR A 115 -23.03 4.68 -34.20
N VAL A 116 -22.31 3.58 -34.51
CA VAL A 116 -20.84 3.52 -34.40
C VAL A 116 -20.28 4.60 -35.35
N ARG A 117 -20.98 4.81 -36.49
CA ARG A 117 -20.72 5.82 -37.50
C ARG A 117 -20.56 7.19 -36.83
N GLU A 118 -21.62 7.69 -36.17
CA GLU A 118 -21.63 8.97 -35.46
C GLU A 118 -20.59 9.00 -34.31
N PHE A 119 -20.38 7.86 -33.61
CA PHE A 119 -19.39 7.74 -32.53
C PHE A 119 -17.94 7.90 -33.06
N ARG A 120 -17.55 7.17 -34.13
CA ARG A 120 -16.20 7.22 -34.72
C ARG A 120 -15.86 8.64 -35.22
N LYS A 121 -16.87 9.40 -35.73
CA LYS A 121 -16.72 10.78 -36.21
C LYS A 121 -16.31 11.71 -35.06
N ILE A 122 -17.09 11.70 -33.97
CA ILE A 122 -16.86 12.48 -32.75
C ILE A 122 -15.52 12.04 -32.08
N ALA A 123 -15.22 10.72 -32.04
CA ALA A 123 -13.99 10.19 -31.42
C ALA A 123 -12.71 10.69 -32.14
N ASN A 124 -12.73 10.68 -33.48
CA ASN A 124 -11.60 11.03 -34.32
C ASN A 124 -11.56 12.52 -34.70
N SER A 125 -12.54 13.32 -34.20
CA SER A 125 -12.58 14.75 -34.45
C SER A 125 -11.48 15.42 -33.65
N ASP A 126 -11.02 16.60 -34.08
CA ASP A 126 -9.94 17.38 -33.48
C ASP A 126 -10.16 17.62 -31.99
N LYS A 127 -11.43 17.86 -31.60
CA LYS A 127 -11.86 18.12 -30.22
C LYS A 127 -11.60 16.90 -29.30
N TYR A 128 -11.90 15.68 -29.75
CA TYR A 128 -11.82 14.47 -28.93
C TYR A 128 -10.71 13.47 -29.28
N CYS A 129 -9.93 13.67 -30.38
CA CYS A 129 -8.90 12.70 -30.77
C CYS A 129 -7.74 12.63 -29.75
N THR A 130 -6.94 11.55 -29.85
CA THR A 130 -5.76 11.27 -29.03
C THR A 130 -4.71 12.36 -29.24
N PRO A 131 -4.08 12.89 -28.16
CA PRO A 131 -3.01 13.89 -28.37
C PRO A 131 -1.75 13.23 -28.92
N ARG A 132 -0.84 14.04 -29.48
CA ARG A 132 0.44 13.56 -30.00
C ARG A 132 1.34 13.20 -28.82
N TYR A 133 2.04 12.07 -28.93
CA TYR A 133 2.91 11.55 -27.86
C TYR A 133 3.90 10.54 -28.43
N SER A 134 5.01 10.27 -27.70
CA SER A 134 6.02 9.29 -28.10
C SER A 134 5.91 8.02 -27.22
N GLU A 135 6.28 8.13 -25.94
CA GLU A 135 6.22 7.02 -24.99
C GLU A 135 4.85 6.98 -24.29
N PHE A 136 4.46 5.78 -23.81
CA PHE A 136 3.21 5.56 -23.08
C PHE A 136 3.14 6.44 -21.81
N GLU A 137 4.30 6.60 -21.11
CA GLU A 137 4.41 7.40 -19.89
C GLU A 137 3.95 8.83 -20.13
N GLU A 138 4.18 9.35 -21.36
CA GLU A 138 3.76 10.68 -21.78
C GLU A 138 2.24 10.71 -21.95
N LEU A 139 1.65 9.67 -22.59
CA LEU A 139 0.19 9.62 -22.78
C LEU A 139 -0.50 9.46 -21.41
N GLU A 140 0.07 8.59 -20.55
CA GLU A 140 -0.40 8.34 -19.20
C GLU A 140 -0.44 9.66 -18.40
N ARG A 141 0.64 10.47 -18.45
CA ARG A 141 0.77 11.78 -17.81
C ARG A 141 -0.30 12.77 -18.29
N LYS A 142 -0.56 12.80 -19.62
CA LYS A 142 -1.57 13.64 -20.24
C LYS A 142 -2.98 13.21 -19.82
N TYR A 143 -3.20 11.90 -19.60
CA TYR A 143 -4.49 11.38 -19.14
C TYR A 143 -4.79 11.90 -17.71
N TRP A 144 -3.84 11.74 -16.77
CA TRP A 144 -4.00 12.14 -15.37
C TRP A 144 -4.01 13.68 -15.20
N LYS A 145 -3.45 14.41 -16.16
CA LYS A 145 -3.43 15.87 -16.14
C LYS A 145 -4.72 16.45 -16.73
N ASN A 146 -5.31 15.78 -17.74
CA ASN A 146 -6.46 16.35 -18.47
C ASN A 146 -7.77 15.62 -18.27
N LEU A 147 -7.79 14.66 -17.35
CA LEU A 147 -8.91 13.80 -16.96
C LEU A 147 -10.23 14.60 -16.73
N THR A 148 -10.13 15.79 -16.08
CA THR A 148 -11.30 16.58 -15.71
C THR A 148 -11.74 17.56 -16.81
N PHE A 149 -10.97 17.69 -17.91
CA PHE A 149 -11.28 18.62 -19.00
C PHE A 149 -11.87 17.90 -20.20
N ASN A 150 -12.66 18.63 -20.99
CA ASN A 150 -13.31 18.17 -22.23
C ASN A 150 -13.91 16.76 -22.06
N PRO A 151 -15.01 16.61 -21.26
CA PRO A 151 -15.57 15.26 -21.01
C PRO A 151 -15.84 14.44 -22.27
N PRO A 152 -15.24 13.22 -22.35
CA PRO A 152 -15.45 12.39 -23.55
C PRO A 152 -16.77 11.64 -23.48
N ILE A 153 -17.12 10.94 -24.57
CA ILE A 153 -18.31 10.10 -24.65
C ILE A 153 -17.84 8.62 -24.74
N TYR A 154 -18.45 7.76 -23.93
CA TYR A 154 -18.15 6.33 -23.88
C TYR A 154 -19.36 5.56 -24.36
N GLY A 155 -19.19 4.80 -25.44
CA GLY A 155 -20.25 3.96 -25.99
C GLY A 155 -20.24 2.64 -25.24
N ALA A 156 -20.61 2.72 -23.97
CA ALA A 156 -20.50 1.62 -23.02
C ALA A 156 -21.79 0.81 -22.85
N ASP A 157 -21.61 -0.43 -22.34
CA ASP A 157 -22.67 -1.39 -21.97
C ASP A 157 -23.62 -1.69 -23.10
N VAL A 158 -23.07 -1.91 -24.30
CA VAL A 158 -23.87 -2.22 -25.49
C VAL A 158 -24.07 -3.74 -25.52
N ASN A 159 -25.34 -4.16 -25.40
CA ASN A 159 -25.70 -5.56 -25.46
C ASN A 159 -25.38 -6.11 -26.82
N GLY A 160 -24.49 -7.10 -26.87
CA GLY A 160 -24.12 -7.72 -28.13
C GLY A 160 -22.74 -8.33 -28.16
N THR A 161 -22.47 -9.05 -29.25
CA THR A 161 -21.21 -9.72 -29.53
C THR A 161 -20.78 -9.39 -30.94
N LEU A 162 -19.47 -9.41 -31.19
CA LEU A 162 -18.92 -9.22 -32.52
C LEU A 162 -18.33 -10.55 -33.02
N TYR A 163 -18.44 -11.61 -32.20
CA TYR A 163 -17.97 -12.95 -32.57
C TYR A 163 -18.88 -13.57 -33.60
N GLU A 164 -18.29 -14.29 -34.56
CA GLU A 164 -19.04 -15.01 -35.56
C GLU A 164 -19.54 -16.31 -34.92
N LYS A 165 -20.79 -16.71 -35.19
CA LYS A 165 -21.51 -17.84 -34.59
C LYS A 165 -20.70 -19.16 -34.56
N HIS A 166 -19.80 -19.37 -35.52
CA HIS A 166 -19.00 -20.58 -35.67
C HIS A 166 -17.72 -20.63 -34.80
N VAL A 167 -17.31 -19.49 -34.18
CA VAL A 167 -16.10 -19.40 -33.35
C VAL A 167 -16.33 -20.10 -32.01
N ASP A 168 -15.63 -21.23 -31.80
CA ASP A 168 -15.79 -22.07 -30.60
C ASP A 168 -14.73 -21.83 -29.52
N GLU A 169 -13.65 -21.14 -29.85
CA GLU A 169 -12.55 -20.90 -28.90
C GLU A 169 -12.69 -19.52 -28.34
N TRP A 170 -12.73 -19.42 -27.00
CA TRP A 170 -12.84 -18.19 -26.19
C TRP A 170 -14.00 -17.27 -26.67
N ASN A 171 -15.14 -17.88 -27.04
CA ASN A 171 -16.31 -17.13 -27.46
C ASN A 171 -16.97 -16.58 -26.22
N ILE A 172 -16.83 -15.25 -26.01
CA ILE A 172 -17.32 -14.47 -24.87
C ILE A 172 -18.87 -14.67 -24.68
N GLY A 173 -19.58 -14.98 -25.76
CA GLY A 173 -21.02 -15.25 -25.75
C GLY A 173 -21.40 -16.63 -25.23
N ARG A 174 -20.44 -17.58 -25.16
CA ARG A 174 -20.67 -18.97 -24.70
C ARG A 174 -19.34 -19.64 -24.19
N LEU A 175 -18.75 -19.13 -23.09
CA LEU A 175 -17.51 -19.67 -22.50
C LEU A 175 -17.67 -21.07 -21.84
N ARG A 176 -18.91 -21.41 -21.44
CA ARG A 176 -19.32 -22.68 -20.84
C ARG A 176 -18.62 -22.98 -19.49
N THR A 177 -18.49 -21.96 -18.61
CA THR A 177 -17.94 -22.12 -17.25
C THR A 177 -19.11 -22.44 -16.29
N ILE A 178 -18.83 -22.66 -14.99
CA ILE A 178 -19.86 -22.96 -13.99
C ILE A 178 -20.81 -21.74 -13.72
N LEU A 179 -20.46 -20.52 -14.20
CA LEU A 179 -21.34 -19.36 -14.06
C LEU A 179 -22.69 -19.61 -14.79
N ASP A 180 -22.71 -20.54 -15.74
CA ASP A 180 -23.90 -20.96 -16.51
C ASP A 180 -24.96 -21.59 -15.61
N LEU A 181 -24.59 -21.98 -14.38
CA LEU A 181 -25.51 -22.56 -13.41
C LEU A 181 -26.58 -21.56 -12.98
N VAL A 182 -26.31 -20.24 -13.08
CA VAL A 182 -27.26 -19.17 -12.74
C VAL A 182 -28.44 -19.18 -13.73
N GLU A 183 -28.17 -19.11 -15.05
CA GLU A 183 -29.26 -19.11 -16.03
C GLU A 183 -29.90 -20.51 -16.11
N LYS A 184 -29.11 -21.59 -16.17
CA LYS A 184 -29.58 -22.97 -16.31
C LYS A 184 -30.58 -23.38 -15.22
N GLU A 185 -30.35 -22.95 -13.99
CA GLU A 185 -31.21 -23.31 -12.85
C GLU A 185 -32.36 -22.31 -12.57
N SER A 186 -32.15 -21.01 -12.79
CA SER A 186 -33.12 -19.98 -12.45
C SER A 186 -33.75 -19.23 -13.65
N GLY A 187 -33.09 -19.27 -14.81
CA GLY A 187 -33.52 -18.54 -16.01
C GLY A 187 -33.07 -17.10 -16.02
N ILE A 188 -32.36 -16.67 -14.96
CA ILE A 188 -31.91 -15.30 -14.77
C ILE A 188 -30.70 -14.97 -15.64
N THR A 189 -30.90 -13.95 -16.49
CA THR A 189 -29.85 -13.35 -17.31
C THR A 189 -29.56 -11.98 -16.71
N ILE A 190 -28.28 -11.71 -16.52
CA ILE A 190 -27.73 -10.47 -15.97
C ILE A 190 -26.83 -9.88 -17.05
N GLU A 191 -27.34 -8.87 -17.76
CA GLU A 191 -26.71 -8.18 -18.89
C GLU A 191 -25.28 -7.76 -18.56
N GLY A 192 -24.36 -8.19 -19.41
CA GLY A 192 -22.94 -7.95 -19.24
C GLY A 192 -22.24 -8.90 -18.28
N VAL A 193 -23.00 -9.62 -17.41
CA VAL A 193 -22.45 -10.55 -16.40
C VAL A 193 -22.47 -11.98 -16.98
N ASN A 194 -23.65 -12.51 -17.33
CA ASN A 194 -23.72 -13.82 -17.98
C ASN A 194 -24.19 -13.64 -19.43
N THR A 195 -24.02 -12.40 -19.98
CA THR A 195 -24.28 -12.02 -21.38
C THR A 195 -23.16 -11.06 -21.82
N PRO A 196 -22.77 -10.98 -23.12
CA PRO A 196 -21.67 -10.06 -23.47
C PRO A 196 -22.10 -8.59 -23.59
N TYR A 197 -21.14 -7.70 -23.32
CA TYR A 197 -21.25 -6.25 -23.47
C TYR A 197 -20.19 -5.78 -24.47
N LEU A 198 -20.51 -4.76 -25.27
CA LEU A 198 -19.57 -4.12 -26.20
C LEU A 198 -19.26 -2.71 -25.67
N TYR A 199 -18.01 -2.26 -25.81
CA TYR A 199 -17.55 -0.95 -25.34
C TYR A 199 -16.82 -0.24 -26.44
N PHE A 200 -17.39 0.86 -26.90
CA PHE A 200 -16.80 1.73 -27.92
C PHE A 200 -16.16 2.88 -27.19
N GLY A 201 -14.83 2.93 -27.24
CA GLY A 201 -14.10 3.97 -26.54
C GLY A 201 -13.54 5.05 -27.43
N MET A 202 -13.18 6.14 -26.80
CA MET A 202 -12.46 7.28 -27.40
C MET A 202 -11.41 7.65 -26.38
N TRP A 203 -10.48 8.52 -26.76
CA TRP A 203 -9.39 8.98 -25.89
C TRP A 203 -9.94 9.51 -24.57
N LYS A 204 -9.32 9.11 -23.44
CA LYS A 204 -9.61 9.62 -22.09
C LYS A 204 -10.91 9.03 -21.52
N THR A 205 -11.54 8.03 -22.17
CA THR A 205 -12.70 7.36 -21.56
C THR A 205 -12.11 6.41 -20.50
N SER A 206 -12.74 6.38 -19.34
CA SER A 206 -12.21 5.66 -18.19
C SER A 206 -13.09 4.56 -17.64
N PHE A 207 -12.46 3.61 -16.95
CA PHE A 207 -13.15 2.62 -16.14
C PHE A 207 -12.55 2.76 -14.74
N ALA A 208 -13.39 3.19 -13.80
CA ALA A 208 -13.01 3.45 -12.42
C ALA A 208 -12.55 2.20 -11.68
N TRP A 209 -11.94 2.36 -10.48
CA TRP A 209 -11.46 1.25 -9.64
C TRP A 209 -12.61 0.39 -9.16
N HIS A 210 -12.50 -0.92 -9.45
CA HIS A 210 -13.53 -1.89 -9.07
C HIS A 210 -13.02 -3.31 -9.19
N THR A 211 -13.70 -4.23 -8.51
CA THR A 211 -13.67 -5.66 -8.65
C THR A 211 -14.92 -6.00 -9.51
N GLU A 212 -15.07 -7.25 -9.94
CA GLU A 212 -16.27 -7.59 -10.69
C GLU A 212 -17.48 -7.73 -9.80
N ASP A 213 -18.71 -7.69 -10.39
CA ASP A 213 -19.90 -7.98 -9.61
C ASP A 213 -19.73 -9.37 -9.00
N MET A 214 -20.09 -9.54 -7.70
CA MET A 214 -20.00 -10.82 -6.99
C MET A 214 -18.56 -11.35 -6.88
N ASP A 215 -17.55 -10.45 -7.16
CA ASP A 215 -16.11 -10.71 -7.19
C ASP A 215 -15.80 -11.85 -8.18
N LEU A 216 -16.48 -11.82 -9.35
CA LEU A 216 -16.30 -12.81 -10.39
C LEU A 216 -15.01 -12.56 -11.19
N TYR A 217 -14.73 -13.45 -12.13
CA TYR A 217 -13.71 -13.23 -13.14
C TYR A 217 -14.32 -12.40 -14.29
N SER A 218 -13.47 -11.83 -15.15
CA SER A 218 -13.92 -11.22 -16.38
C SER A 218 -12.91 -11.50 -17.45
N ILE A 219 -13.41 -11.53 -18.68
CA ILE A 219 -12.64 -11.69 -19.90
C ILE A 219 -12.88 -10.39 -20.70
N ASN A 220 -11.82 -9.82 -21.27
CA ASN A 220 -11.97 -8.61 -22.08
C ASN A 220 -11.17 -8.80 -23.34
N TYR A 221 -11.84 -8.72 -24.50
CA TYR A 221 -11.16 -8.82 -25.79
C TYR A 221 -11.21 -7.48 -26.50
N LEU A 222 -10.04 -6.91 -26.88
CA LEU A 222 -10.01 -5.67 -27.65
C LEU A 222 -10.13 -6.05 -29.14
N HIS A 223 -11.36 -5.94 -29.70
CA HIS A 223 -11.69 -6.27 -31.10
C HIS A 223 -10.85 -5.47 -32.10
N PHE A 224 -10.78 -4.13 -31.95
CA PHE A 224 -10.03 -3.28 -32.86
C PHE A 224 -9.74 -1.92 -32.26
N GLY A 225 -8.94 -1.12 -32.94
CA GLY A 225 -8.61 0.24 -32.57
C GLY A 225 -7.42 0.42 -31.66
N GLU A 226 -7.39 1.60 -31.02
CA GLU A 226 -6.33 2.09 -30.15
C GLU A 226 -6.31 1.33 -28.83
N PRO A 227 -5.15 1.28 -28.14
CA PRO A 227 -5.08 0.47 -26.91
C PRO A 227 -5.93 0.95 -25.73
N LYS A 228 -6.03 0.04 -24.74
CA LYS A 228 -6.66 0.19 -23.47
C LYS A 228 -5.57 -0.06 -22.40
N SER A 229 -5.27 0.94 -21.55
CA SER A 229 -4.30 0.76 -20.47
C SER A 229 -5.04 0.41 -19.20
N TRP A 230 -4.42 -0.48 -18.41
CA TRP A 230 -4.97 -1.04 -17.19
C TRP A 230 -4.03 -0.84 -16.03
N TYR A 231 -4.62 -0.66 -14.84
CA TYR A 231 -3.96 -0.65 -13.53
C TYR A 231 -4.57 -1.81 -12.75
N SER A 232 -3.76 -2.54 -11.94
CA SER A 232 -4.31 -3.65 -11.17
C SER A 232 -3.73 -3.71 -9.76
N VAL A 233 -4.57 -4.05 -8.78
CA VAL A 233 -4.10 -4.22 -7.40
C VAL A 233 -4.23 -5.73 -7.09
N PRO A 234 -3.16 -6.40 -6.63
CA PRO A 234 -3.28 -7.83 -6.28
C PRO A 234 -4.43 -8.12 -5.29
N PRO A 235 -5.24 -9.20 -5.49
CA PRO A 235 -6.31 -9.53 -4.53
C PRO A 235 -5.80 -9.62 -3.07
N GLU A 236 -4.53 -10.03 -2.88
CA GLU A 236 -3.83 -10.07 -1.59
C GLU A 236 -3.79 -8.71 -0.89
N HIS A 237 -3.83 -7.59 -1.67
CA HIS A 237 -3.77 -6.23 -1.14
C HIS A 237 -5.02 -5.38 -1.40
N GLY A 238 -6.13 -6.03 -1.79
CA GLY A 238 -7.39 -5.38 -2.09
C GLY A 238 -8.00 -4.61 -0.94
N LYS A 239 -7.94 -5.19 0.26
CA LYS A 239 -8.44 -4.59 1.50
C LYS A 239 -7.68 -3.31 1.84
N ARG A 240 -6.39 -3.24 1.48
CA ARG A 240 -5.55 -2.04 1.68
C ARG A 240 -6.02 -0.92 0.77
N LEU A 241 -6.34 -1.22 -0.49
CA LEU A 241 -6.90 -0.25 -1.43
C LEU A 241 -8.25 0.29 -0.91
N GLU A 242 -9.12 -0.59 -0.39
CA GLU A 242 -10.44 -0.22 0.20
C GLU A 242 -10.29 0.72 1.39
N ARG A 243 -9.33 0.45 2.29
CA ARG A 243 -9.05 1.29 3.45
C ARG A 243 -8.60 2.67 3.02
N LEU A 244 -7.74 2.71 1.97
CA LEU A 244 -7.27 3.96 1.38
C LEU A 244 -8.46 4.78 0.80
N ALA A 245 -9.28 4.15 -0.08
CA ALA A 245 -10.44 4.77 -0.70
C ALA A 245 -11.45 5.27 0.36
N LYS A 246 -11.71 4.47 1.39
CA LYS A 246 -12.61 4.82 2.51
C LYS A 246 -12.10 6.08 3.24
N GLY A 247 -10.79 6.21 3.43
CA GLY A 247 -10.17 7.38 4.03
C GLY A 247 -10.28 8.62 3.17
N PHE A 248 -10.11 8.47 1.84
CA PHE A 248 -10.23 9.58 0.88
C PHE A 248 -11.66 10.01 0.63
N PHE A 249 -12.61 9.07 0.55
CA PHE A 249 -14.03 9.41 0.32
C PHE A 249 -14.86 8.96 1.53
N PRO A 250 -14.69 9.58 2.74
CA PRO A 250 -15.41 9.10 3.93
C PRO A 250 -16.93 9.24 3.85
N GLY A 251 -17.40 10.22 3.10
CA GLY A 251 -18.84 10.44 2.90
C GLY A 251 -19.47 9.28 2.17
N SER A 252 -18.85 8.89 1.07
CA SER A 252 -19.25 7.76 0.22
C SER A 252 -19.24 6.44 0.98
N ALA A 253 -18.19 6.20 1.76
CA ALA A 253 -18.03 4.98 2.54
C ALA A 253 -19.07 4.85 3.63
N GLN A 254 -19.56 6.00 4.15
CA GLN A 254 -20.60 6.03 5.18
C GLN A 254 -21.98 5.68 4.61
N SER A 255 -22.25 6.08 3.35
CA SER A 255 -23.53 5.85 2.67
C SER A 255 -23.66 4.44 2.07
N CYS A 256 -22.52 3.81 1.78
CA CYS A 256 -22.43 2.49 1.18
C CYS A 256 -21.04 1.90 1.47
N GLU A 257 -20.97 0.74 2.17
CA GLU A 257 -19.65 0.13 2.47
C GLU A 257 -18.89 -0.16 1.18
N ALA A 258 -19.61 -0.77 0.19
CA ALA A 258 -19.09 -1.14 -1.11
C ALA A 258 -19.26 0.00 -2.15
N PHE A 259 -18.95 1.27 -1.81
CA PHE A 259 -19.14 2.40 -2.73
C PHE A 259 -18.31 2.27 -4.02
N LEU A 260 -17.18 1.53 -3.98
CA LEU A 260 -16.32 1.31 -5.17
C LEU A 260 -17.08 0.58 -6.27
N ARG A 261 -18.13 -0.19 -5.89
CA ARG A 261 -18.98 -0.92 -6.84
C ARG A 261 -19.82 0.04 -7.69
N HIS A 262 -19.88 1.34 -7.28
CA HIS A 262 -20.62 2.36 -8.08
C HIS A 262 -19.82 2.70 -9.32
N LYS A 263 -18.51 2.33 -9.34
CA LYS A 263 -17.58 2.51 -10.47
C LYS A 263 -17.46 4.00 -10.85
N MET A 264 -17.28 4.85 -9.81
CA MET A 264 -17.15 6.31 -9.96
C MET A 264 -15.81 6.82 -9.41
N THR A 265 -15.01 5.97 -8.82
CA THR A 265 -13.80 6.39 -8.10
C THR A 265 -12.54 6.14 -8.90
N LEU A 266 -11.85 7.24 -9.24
CA LEU A 266 -10.59 7.24 -9.98
C LEU A 266 -9.51 7.68 -9.04
N ILE A 267 -8.41 6.95 -9.00
CA ILE A 267 -7.24 7.16 -8.12
C ILE A 267 -6.00 6.94 -8.97
N SER A 268 -5.17 7.97 -9.10
CA SER A 268 -3.95 7.93 -9.91
C SER A 268 -2.91 6.95 -9.35
N PRO A 269 -2.03 6.38 -10.21
CA PRO A 269 -0.97 5.50 -9.68
C PRO A 269 0.01 6.21 -8.71
N LEU A 270 0.15 7.52 -8.83
CA LEU A 270 1.02 8.31 -7.94
C LEU A 270 0.45 8.34 -6.52
N MET A 271 -0.89 8.42 -6.39
CA MET A 271 -1.56 8.35 -5.11
C MET A 271 -1.38 6.98 -4.51
N LEU A 272 -1.45 5.89 -5.32
CA LEU A 272 -1.26 4.52 -4.82
C LEU A 272 0.15 4.33 -4.31
N LYS A 273 1.12 4.82 -5.07
CA LYS A 273 2.55 4.76 -4.78
C LYS A 273 2.84 5.48 -3.45
N LYS A 274 2.27 6.67 -3.28
CA LYS A 274 2.37 7.54 -2.11
C LYS A 274 1.81 6.88 -0.81
N TYR A 275 0.79 6.04 -0.93
CA TYR A 275 0.23 5.40 0.24
C TYR A 275 0.55 3.91 0.31
N GLY A 276 1.63 3.50 -0.36
CA GLY A 276 2.19 2.17 -0.32
C GLY A 276 1.28 1.03 -0.76
N ILE A 277 0.35 1.29 -1.69
CA ILE A 277 -0.54 0.26 -2.24
C ILE A 277 0.18 -0.42 -3.42
N PRO A 278 0.46 -1.75 -3.35
CA PRO A 278 1.12 -2.41 -4.49
C PRO A 278 0.20 -2.50 -5.69
N PHE A 279 0.72 -2.22 -6.89
CA PHE A 279 -0.08 -2.27 -8.10
C PHE A 279 0.85 -2.49 -9.30
N ASP A 280 0.26 -2.88 -10.42
CA ASP A 280 1.00 -3.06 -11.66
C ASP A 280 0.17 -2.42 -12.78
N LYS A 281 0.82 -2.17 -13.94
CA LYS A 281 0.12 -1.57 -15.06
C LYS A 281 0.43 -2.38 -16.32
N VAL A 282 -0.49 -2.37 -17.27
CA VAL A 282 -0.36 -3.10 -18.53
C VAL A 282 -1.21 -2.38 -19.58
N THR A 283 -0.77 -2.42 -20.83
CA THR A 283 -1.47 -1.87 -21.98
C THR A 283 -1.90 -3.05 -22.84
N GLN A 284 -3.20 -3.11 -23.16
CA GLN A 284 -3.82 -4.12 -23.99
C GLN A 284 -3.92 -3.60 -25.43
N GLU A 285 -3.40 -4.35 -26.41
CA GLU A 285 -3.45 -3.95 -27.83
C GLU A 285 -4.63 -4.65 -28.49
N ALA A 286 -5.06 -4.17 -29.68
CA ALA A 286 -6.13 -4.82 -30.43
C ALA A 286 -5.74 -6.28 -30.69
N GLY A 287 -6.70 -7.17 -30.54
CA GLY A 287 -6.50 -8.60 -30.72
C GLY A 287 -6.01 -9.31 -29.47
N GLU A 288 -5.92 -8.61 -28.34
CA GLU A 288 -5.48 -9.22 -27.07
C GLU A 288 -6.61 -9.37 -26.04
N PHE A 289 -6.48 -10.39 -25.18
CA PHE A 289 -7.40 -10.62 -24.07
C PHE A 289 -6.78 -10.23 -22.75
N MET A 290 -7.62 -9.75 -21.86
CA MET A 290 -7.30 -9.47 -20.47
C MET A 290 -8.21 -10.30 -19.63
N ILE A 291 -7.67 -10.97 -18.61
CA ILE A 291 -8.44 -11.74 -17.65
C ILE A 291 -8.31 -11.01 -16.30
N THR A 292 -9.44 -10.74 -15.66
CA THR A 292 -9.42 -10.21 -14.29
C THR A 292 -9.83 -11.38 -13.41
N PHE A 293 -9.23 -11.46 -12.24
CA PHE A 293 -9.43 -12.54 -11.30
C PHE A 293 -10.27 -12.12 -10.12
N PRO A 294 -10.95 -13.09 -9.41
CA PRO A 294 -11.78 -12.72 -8.26
C PRO A 294 -11.05 -11.83 -7.23
N TYR A 295 -11.71 -10.73 -6.86
CA TYR A 295 -11.27 -9.70 -5.92
C TYR A 295 -10.02 -8.91 -6.40
N GLY A 296 -9.83 -8.88 -7.72
CA GLY A 296 -8.76 -8.12 -8.35
C GLY A 296 -9.27 -6.75 -8.71
N TYR A 297 -8.84 -5.72 -7.97
CA TYR A 297 -9.20 -4.33 -8.28
C TYR A 297 -8.48 -3.86 -9.52
N HIS A 298 -9.20 -3.26 -10.47
CA HIS A 298 -8.62 -2.73 -11.69
C HIS A 298 -9.31 -1.43 -12.11
N ALA A 299 -8.56 -0.62 -12.88
CA ALA A 299 -8.97 0.67 -13.47
C ALA A 299 -8.16 0.90 -14.71
N GLY A 300 -8.52 1.92 -15.47
CA GLY A 300 -7.79 2.29 -16.66
C GLY A 300 -8.53 3.25 -17.56
N PHE A 301 -8.04 3.32 -18.81
CA PHE A 301 -8.53 4.23 -19.82
C PHE A 301 -8.22 3.73 -21.19
N ASN A 302 -8.94 4.29 -22.19
CA ASN A 302 -8.77 4.04 -23.62
C ASN A 302 -7.88 5.12 -24.22
N HIS A 303 -7.01 4.72 -25.18
CA HIS A 303 -6.06 5.61 -25.83
C HIS A 303 -6.70 6.40 -26.93
N GLY A 304 -7.68 5.81 -27.57
CA GLY A 304 -8.41 6.44 -28.66
C GLY A 304 -9.58 5.55 -29.02
N PHE A 305 -10.07 5.69 -30.27
CA PHE A 305 -11.21 4.97 -30.79
C PHE A 305 -10.91 3.45 -30.82
N ASN A 306 -11.77 2.65 -30.20
CA ASN A 306 -11.61 1.21 -30.10
C ASN A 306 -12.90 0.52 -29.77
N CYS A 307 -12.89 -0.80 -29.81
CA CYS A 307 -14.04 -1.60 -29.46
C CYS A 307 -13.59 -2.79 -28.67
N ALA A 308 -14.19 -3.01 -27.50
CA ALA A 308 -13.91 -4.14 -26.61
C ALA A 308 -15.17 -4.93 -26.31
N GLU A 309 -15.01 -6.25 -26.10
CA GLU A 309 -16.09 -7.15 -25.72
C GLU A 309 -15.74 -7.79 -24.39
N SER A 310 -16.71 -7.86 -23.46
CA SER A 310 -16.46 -8.44 -22.16
C SER A 310 -17.71 -9.12 -21.57
N THR A 311 -17.45 -10.05 -20.62
CA THR A 311 -18.45 -10.77 -19.84
C THR A 311 -17.77 -11.27 -18.57
N ASN A 312 -18.54 -11.86 -17.66
CA ASN A 312 -18.00 -12.45 -16.44
C ASN A 312 -17.98 -13.97 -16.58
N PHE A 313 -17.19 -14.65 -15.75
CA PHE A 313 -17.15 -16.11 -15.78
C PHE A 313 -16.74 -16.56 -14.40
N ALA A 314 -16.86 -17.86 -14.14
CA ALA A 314 -16.52 -18.41 -12.82
C ALA A 314 -15.63 -19.64 -12.97
N THR A 315 -14.98 -20.04 -11.89
CA THR A 315 -14.25 -21.31 -11.68
C THR A 315 -14.71 -21.78 -10.33
N ARG A 316 -14.29 -22.99 -9.91
CA ARG A 316 -14.69 -23.53 -8.60
C ARG A 316 -14.14 -22.66 -7.48
N ARG A 317 -12.95 -22.04 -7.71
CA ARG A 317 -12.26 -21.15 -6.76
C ARG A 317 -13.12 -19.89 -6.47
N TRP A 318 -13.91 -19.43 -7.46
CA TRP A 318 -14.75 -18.25 -7.30
C TRP A 318 -15.88 -18.40 -6.23
N ILE A 319 -16.46 -19.60 -6.10
CA ILE A 319 -17.60 -19.86 -5.19
C ILE A 319 -17.39 -19.22 -3.80
N GLU A 320 -16.22 -19.43 -3.19
CA GLU A 320 -15.94 -18.85 -1.88
C GLU A 320 -15.93 -17.33 -1.92
N TYR A 321 -15.39 -16.76 -3.02
CA TYR A 321 -15.38 -15.30 -3.24
C TYR A 321 -16.82 -14.77 -3.37
N GLY A 322 -17.67 -15.49 -4.12
CA GLY A 322 -19.09 -15.14 -4.28
C GLY A 322 -19.83 -15.11 -2.95
N LYS A 323 -19.52 -16.08 -2.06
CA LYS A 323 -20.13 -16.23 -0.74
C LYS A 323 -19.76 -15.09 0.21
N GLN A 324 -18.54 -14.58 0.08
CA GLN A 324 -17.99 -13.54 0.96
C GLN A 324 -17.98 -12.15 0.36
N ALA A 325 -18.52 -11.98 -0.85
CA ALA A 325 -18.51 -10.68 -1.57
C ALA A 325 -19.28 -9.61 -0.82
N VAL A 326 -18.64 -8.44 -0.59
CA VAL A 326 -19.30 -7.33 0.10
C VAL A 326 -20.04 -6.57 -0.98
N LEU A 327 -21.36 -6.54 -0.89
CA LEU A 327 -22.16 -5.95 -1.94
C LEU A 327 -22.64 -4.54 -1.64
N CYS A 328 -23.04 -3.84 -2.70
CA CYS A 328 -23.60 -2.51 -2.62
C CYS A 328 -25.00 -2.61 -2.05
N SER A 329 -25.22 -1.90 -0.96
CA SER A 329 -26.48 -1.82 -0.23
C SER A 329 -27.45 -0.78 -0.85
N CYS A 330 -26.99 0.48 -0.88
CA CYS A 330 -27.64 1.76 -1.25
C CYS A 330 -28.31 1.84 -2.64
N ARG A 331 -28.03 0.94 -3.59
CA ARG A 331 -28.63 1.06 -4.92
CA ARG A 331 -28.62 1.06 -4.92
C ARG A 331 -29.53 -0.09 -5.27
N LYS A 332 -30.63 0.23 -6.00
CA LYS A 332 -31.58 -0.74 -6.54
C LYS A 332 -31.00 -1.18 -7.89
N ASP A 333 -31.27 -2.43 -8.32
CA ASP A 333 -30.79 -3.03 -9.57
C ASP A 333 -29.25 -3.35 -9.50
N MET A 334 -28.67 -3.40 -8.26
CA MET A 334 -27.29 -3.83 -8.05
C MET A 334 -27.24 -5.36 -8.22
N VAL A 335 -26.18 -5.87 -8.87
CA VAL A 335 -26.06 -7.31 -9.19
C VAL A 335 -25.79 -8.15 -7.94
N LYS A 336 -26.72 -9.09 -7.67
CA LYS A 336 -26.68 -10.04 -6.57
C LYS A 336 -27.11 -11.40 -7.09
N ILE A 337 -26.15 -12.34 -7.12
CA ILE A 337 -26.35 -13.73 -7.53
C ILE A 337 -26.57 -14.58 -6.27
N SER A 338 -27.56 -15.46 -6.29
CA SER A 338 -27.86 -16.41 -5.23
C SER A 338 -26.76 -17.50 -5.26
N MET A 339 -26.00 -17.66 -4.15
CA MET A 339 -24.88 -18.61 -4.08
C MET A 339 -25.32 -20.03 -3.76
N ASP A 340 -26.56 -20.17 -3.30
CA ASP A 340 -27.20 -21.40 -2.87
CA ASP A 340 -27.19 -21.41 -2.85
C ASP A 340 -26.91 -22.60 -3.78
N VAL A 341 -27.12 -22.45 -5.10
CA VAL A 341 -26.92 -23.55 -6.08
C VAL A 341 -25.46 -23.98 -6.15
N PHE A 342 -24.52 -23.04 -5.98
CA PHE A 342 -23.08 -23.34 -6.05
C PHE A 342 -22.62 -24.12 -4.84
N VAL A 343 -23.11 -23.74 -3.65
CA VAL A 343 -22.73 -24.35 -2.40
C VAL A 343 -23.32 -25.75 -2.37
N ARG A 344 -24.60 -25.88 -2.76
CA ARG A 344 -25.23 -27.20 -2.80
C ARG A 344 -24.49 -28.20 -3.72
N LYS A 345 -24.18 -27.77 -4.93
CA LYS A 345 -23.51 -28.61 -5.90
C LYS A 345 -22.01 -28.84 -5.58
N PHE A 346 -21.23 -27.78 -5.31
CA PHE A 346 -19.79 -27.93 -5.12
C PHE A 346 -19.28 -27.97 -3.66
N GLN A 347 -20.11 -27.61 -2.65
CA GLN A 347 -19.71 -27.66 -1.23
C GLN A 347 -20.81 -28.31 -0.38
N PRO A 348 -21.32 -29.52 -0.77
CA PRO A 348 -22.43 -30.14 -0.02
C PRO A 348 -22.21 -30.33 1.48
N GLU A 349 -20.95 -30.58 1.88
CA GLU A 349 -20.56 -30.82 3.28
C GLU A 349 -20.57 -29.52 4.09
N ARG A 350 -20.57 -28.36 3.39
CA ARG A 350 -20.54 -27.06 4.04
CA ARG A 350 -20.56 -27.07 4.06
C ARG A 350 -21.89 -26.35 3.92
N TYR A 351 -22.83 -26.92 3.11
CA TYR A 351 -24.14 -26.34 2.84
C TYR A 351 -24.95 -25.96 4.11
N LYS A 352 -25.16 -26.93 5.02
CA LYS A 352 -25.92 -26.77 6.25
C LYS A 352 -25.26 -25.68 7.13
N LEU A 353 -23.92 -25.71 7.28
CA LEU A 353 -23.14 -24.74 8.05
C LEU A 353 -23.27 -23.33 7.49
N TRP A 354 -23.17 -23.19 6.15
CA TRP A 354 -23.29 -21.93 5.43
C TRP A 354 -24.70 -21.33 5.57
N LYS A 355 -25.77 -22.17 5.41
CA LYS A 355 -27.20 -21.74 5.58
C LYS A 355 -27.50 -21.21 7.01
N ALA A 356 -26.78 -21.76 8.01
CA ALA A 356 -26.88 -21.37 9.42
C ALA A 356 -25.97 -20.16 9.73
N GLY A 357 -25.23 -19.67 8.72
CA GLY A 357 -24.32 -18.52 8.86
C GLY A 357 -23.06 -18.79 9.66
N LYS A 358 -22.69 -20.07 9.79
CA LYS A 358 -21.56 -20.51 10.58
C LYS A 358 -20.35 -20.92 9.74
N ASP A 359 -20.41 -20.84 8.38
CA ASP A 359 -19.26 -21.17 7.52
C ASP A 359 -18.17 -20.07 7.64
N ASN A 360 -17.14 -20.33 8.48
CA ASN A 360 -16.07 -19.37 8.78
C ASN A 360 -14.77 -19.59 7.93
N THR A 361 -14.88 -20.18 6.70
CA THR A 361 -13.78 -20.37 5.74
C THR A 361 -13.07 -19.02 5.44
N VAL A 362 -11.74 -19.02 5.48
CA VAL A 362 -10.93 -17.86 5.18
C VAL A 362 -10.34 -18.08 3.79
N ILE A 363 -10.39 -17.06 2.90
CA ILE A 363 -9.86 -17.20 1.55
C ILE A 363 -8.35 -16.95 1.55
N ASP A 364 -7.59 -17.87 0.91
CA ASP A 364 -6.16 -17.75 0.61
C ASP A 364 -6.07 -17.32 -0.87
N HIS A 365 -5.80 -16.01 -1.11
CA HIS A 365 -5.75 -15.42 -2.45
C HIS A 365 -4.60 -15.98 -3.32
N THR A 366 -3.65 -16.73 -2.73
CA THR A 366 -2.49 -17.26 -3.48
C THR A 366 -2.83 -18.64 -4.11
N LEU A 367 -3.71 -19.42 -3.45
CA LEU A 367 -4.12 -20.75 -3.88
C LEU A 367 -4.79 -20.76 -5.30
N PRO A 368 -4.29 -21.58 -6.27
CA PRO A 368 -4.97 -21.66 -7.59
C PRO A 368 -6.26 -22.49 -7.53
N THR A 369 -7.11 -22.41 -8.58
CA THR A 369 -8.40 -23.12 -8.65
C THR A 369 -8.15 -24.65 -8.61
N PRO A 370 -9.04 -25.44 -7.95
CA PRO A 370 -8.79 -26.92 -7.88
C PRO A 370 -8.55 -27.61 -9.24
N GLU A 371 -9.15 -27.09 -10.33
CA GLU A 371 -9.05 -27.62 -11.72
C GLU A 371 -7.59 -27.59 -12.28
N ALA A 372 -6.69 -26.83 -11.63
CA ALA A 372 -5.26 -26.65 -11.97
C ALA A 372 -4.38 -27.79 -11.43
N ALA A 373 -4.95 -28.69 -10.60
CA ALA A 373 -4.26 -29.83 -9.97
C ALA A 373 -3.42 -30.65 -10.97
N GLU A 374 -3.93 -30.84 -12.21
CA GLU A 374 -3.28 -31.58 -13.30
C GLU A 374 -1.97 -30.88 -13.80
N PHE A 375 -1.84 -29.54 -13.59
CA PHE A 375 -0.66 -28.74 -13.97
C PHE A 375 0.28 -28.45 -12.77
N LEU A 376 0.03 -29.11 -11.60
CA LEU A 376 0.83 -28.90 -10.39
C LEU A 376 1.38 -30.22 -9.80
N LEU B 30 -3.20 19.24 3.58
CA LEU B 30 -2.24 18.22 3.14
C LEU B 30 -2.28 17.02 4.12
N ASN B 31 -2.35 15.77 3.57
CA ASN B 31 -2.48 14.48 4.30
C ASN B 31 -3.52 14.61 5.48
N PRO B 32 -4.81 14.94 5.20
CA PRO B 32 -5.79 15.13 6.30
C PRO B 32 -6.11 13.85 7.08
N SER B 33 -5.89 12.68 6.44
CA SER B 33 -6.07 11.34 7.02
C SER B 33 -4.90 11.01 7.96
N ALA B 34 -3.77 11.79 7.84
CA ALA B 34 -2.51 11.67 8.59
C ALA B 34 -1.94 10.24 8.46
N ARG B 35 -1.99 9.69 7.21
CA ARG B 35 -1.50 8.34 6.89
C ARG B 35 -0.02 8.35 6.57
N ILE B 36 0.68 7.24 6.83
CA ILE B 36 2.10 7.11 6.55
C ILE B 36 2.28 7.20 5.03
N MET B 37 3.11 8.18 4.61
CA MET B 37 3.40 8.39 3.19
C MET B 37 4.75 7.78 2.82
N THR B 38 4.87 7.33 1.56
CA THR B 38 6.05 6.73 0.96
C THR B 38 6.49 7.63 -0.21
N PHE B 39 7.80 7.95 -0.27
CA PHE B 39 8.38 8.83 -1.29
C PHE B 39 9.46 8.11 -2.08
N TYR B 40 9.54 8.46 -3.37
CA TYR B 40 10.49 7.88 -4.33
C TYR B 40 11.31 9.01 -5.00
N PRO B 41 12.25 9.64 -4.26
CA PRO B 41 13.01 10.74 -4.87
C PRO B 41 13.90 10.31 -6.02
N THR B 42 14.13 11.25 -6.97
CA THR B 42 15.09 11.05 -8.06
C THR B 42 16.47 11.20 -7.44
N MET B 43 17.55 10.95 -8.19
CA MET B 43 18.90 11.11 -7.64
C MET B 43 19.18 12.59 -7.28
N GLU B 44 18.66 13.53 -8.10
CA GLU B 44 18.80 14.98 -7.91
C GLU B 44 18.08 15.45 -6.65
N GLU B 45 16.89 14.89 -6.36
CA GLU B 45 16.10 15.23 -5.16
C GLU B 45 16.75 14.67 -3.91
N PHE B 46 17.29 13.45 -4.02
CA PHE B 46 17.91 12.69 -2.94
C PHE B 46 19.21 13.32 -2.42
N ARG B 47 19.98 14.02 -3.29
CA ARG B 47 21.27 14.60 -2.94
C ARG B 47 21.21 15.61 -1.78
N ASN B 48 20.21 16.51 -1.73
CA ASN B 48 20.09 17.48 -0.63
C ASN B 48 19.10 16.94 0.42
N PHE B 49 19.62 16.36 1.52
CA PHE B 49 18.87 15.74 2.61
C PHE B 49 17.83 16.68 3.28
N SER B 50 18.29 17.84 3.81
CA SER B 50 17.46 18.85 4.51
C SER B 50 16.33 19.37 3.62
N ARG B 51 16.64 19.62 2.33
CA ARG B 51 15.70 20.09 1.33
C ARG B 51 14.63 19.03 1.10
N TYR B 52 15.03 17.74 1.04
CA TYR B 52 14.05 16.68 0.81
C TYR B 52 13.12 16.47 2.03
N ILE B 53 13.61 16.71 3.26
CA ILE B 53 12.76 16.64 4.47
C ILE B 53 11.73 17.79 4.39
N ALA B 54 12.19 19.00 3.99
CA ALA B 54 11.33 20.17 3.80
C ALA B 54 10.24 19.86 2.77
N TYR B 55 10.60 19.19 1.65
CA TYR B 55 9.66 18.78 0.60
C TYR B 55 8.60 17.80 1.10
N ILE B 56 8.99 16.72 1.80
CA ILE B 56 8.02 15.71 2.27
C ILE B 56 7.06 16.33 3.32
N GLU B 57 7.54 17.31 4.09
CA GLU B 57 6.71 18.05 5.03
C GLU B 57 5.70 18.95 4.27
N SER B 58 6.07 19.48 3.08
CA SER B 58 5.18 20.30 2.25
C SER B 58 4.02 19.44 1.68
N GLN B 59 4.22 18.11 1.66
CA GLN B 59 3.27 17.09 1.22
C GLN B 59 2.46 16.52 2.40
N GLY B 60 2.77 16.97 3.62
CA GLY B 60 2.12 16.58 4.86
C GLY B 60 2.59 15.27 5.47
N ALA B 61 3.77 14.77 5.04
CA ALA B 61 4.35 13.50 5.55
C ALA B 61 4.50 13.49 7.10
N HIS B 62 4.84 14.63 7.68
CA HIS B 62 5.05 14.75 9.13
C HIS B 62 3.81 14.49 9.97
N ARG B 63 2.60 14.69 9.38
CA ARG B 63 1.32 14.53 10.07
C ARG B 63 1.09 13.14 10.62
N ALA B 64 1.65 12.13 9.99
CA ALA B 64 1.53 10.75 10.47
C ALA B 64 2.56 10.43 11.58
N GLY B 65 3.64 11.24 11.67
CA GLY B 65 4.77 11.09 12.62
C GLY B 65 5.87 10.17 12.11
N LEU B 66 5.61 9.54 10.96
CA LEU B 66 6.46 8.53 10.31
C LEU B 66 6.26 8.56 8.79
N ALA B 67 7.36 8.39 8.04
CA ALA B 67 7.35 8.39 6.58
C ALA B 67 8.44 7.48 6.06
N LYS B 68 8.20 6.83 4.92
CA LYS B 68 9.15 5.98 4.25
C LYS B 68 9.71 6.71 3.06
N VAL B 69 11.03 6.59 2.85
CA VAL B 69 11.72 7.15 1.70
C VAL B 69 12.48 6.03 1.02
N VAL B 70 12.10 5.75 -0.23
CA VAL B 70 12.76 4.72 -1.02
C VAL B 70 13.87 5.42 -1.84
N PRO B 71 15.16 5.13 -1.58
CA PRO B 71 16.23 5.84 -2.33
C PRO B 71 16.29 5.46 -3.82
N PRO B 72 16.90 6.31 -4.70
CA PRO B 72 17.01 5.93 -6.12
C PRO B 72 17.68 4.57 -6.30
N LYS B 73 17.21 3.76 -7.28
CA LYS B 73 17.65 2.39 -7.57
C LYS B 73 19.20 2.23 -7.60
N GLU B 74 19.90 3.18 -8.25
CA GLU B 74 21.35 3.19 -8.41
C GLU B 74 22.12 3.60 -7.12
N TRP B 75 21.42 4.04 -6.06
CA TRP B 75 22.10 4.45 -4.83
C TRP B 75 22.29 3.24 -3.92
N LYS B 76 23.52 3.12 -3.38
CA LYS B 76 23.96 2.09 -2.44
C LYS B 76 24.94 2.73 -1.42
N PRO B 77 24.74 2.58 -0.09
CA PRO B 77 25.68 3.23 0.86
C PRO B 77 26.98 2.45 1.10
N ARG B 78 27.01 1.17 0.65
CA ARG B 78 28.11 0.24 0.82
C ARG B 78 28.13 -0.76 -0.34
N ALA B 79 29.34 -1.18 -0.77
CA ALA B 79 29.50 -2.14 -1.86
C ALA B 79 28.95 -3.53 -1.48
N SER B 80 29.33 -4.05 -0.27
CA SER B 80 28.89 -5.37 0.22
C SER B 80 28.95 -5.44 1.76
N TYR B 81 28.17 -6.35 2.35
CA TYR B 81 28.09 -6.56 3.81
C TYR B 81 28.71 -7.92 4.20
N ASP B 82 29.71 -8.37 3.45
CA ASP B 82 30.34 -9.67 3.64
C ASP B 82 31.63 -9.57 4.50
N ASP B 83 32.06 -8.34 4.84
CA ASP B 83 33.28 -8.08 5.64
C ASP B 83 32.98 -7.64 7.09
N ILE B 84 31.71 -7.76 7.52
CA ILE B 84 31.32 -7.27 8.85
C ILE B 84 31.10 -8.41 9.88
N ASP B 85 31.46 -9.65 9.54
CA ASP B 85 31.30 -10.81 10.42
C ASP B 85 32.13 -10.71 11.72
N ASP B 86 33.24 -9.94 11.67
CA ASP B 86 34.13 -9.72 12.81
C ASP B 86 33.71 -8.57 13.71
N LEU B 87 32.77 -7.70 13.24
CA LEU B 87 32.25 -6.56 14.00
C LEU B 87 31.64 -7.04 15.32
N VAL B 88 32.03 -6.39 16.43
CA VAL B 88 31.59 -6.73 17.80
C VAL B 88 30.35 -5.93 18.19
N ILE B 89 29.39 -6.66 18.79
CA ILE B 89 28.18 -6.15 19.42
C ILE B 89 28.56 -6.15 20.90
N PRO B 90 29.06 -5.01 21.44
CA PRO B 90 29.60 -5.02 22.81
C PRO B 90 28.59 -5.28 23.93
N ALA B 91 27.33 -4.91 23.72
CA ALA B 91 26.30 -5.05 24.74
C ALA B 91 24.97 -5.62 24.19
N PRO B 92 24.94 -6.92 23.80
CA PRO B 92 23.68 -7.52 23.34
C PRO B 92 22.65 -7.53 24.45
N ILE B 93 21.38 -7.40 24.10
CA ILE B 93 20.31 -7.27 25.08
C ILE B 93 19.29 -8.37 24.92
N GLN B 94 19.10 -9.18 25.96
CA GLN B 94 18.04 -10.19 25.99
C GLN B 94 16.76 -9.46 26.41
N GLN B 95 15.68 -9.55 25.58
CA GLN B 95 14.42 -8.82 25.84
C GLN B 95 13.35 -9.68 26.50
N LEU B 96 13.19 -9.51 27.81
CA LEU B 96 12.18 -10.19 28.60
C LEU B 96 10.94 -9.35 28.69
N VAL B 97 9.81 -9.93 28.31
CA VAL B 97 8.56 -9.20 28.20
C VAL B 97 7.52 -9.84 29.11
N THR B 98 6.89 -9.02 29.96
CA THR B 98 5.86 -9.44 30.89
C THR B 98 4.59 -8.64 30.63
N GLY B 99 3.46 -9.34 30.66
CA GLY B 99 2.18 -8.67 30.47
C GLY B 99 1.10 -9.54 29.90
N GLN B 100 -0.06 -8.92 29.64
CA GLN B 100 -1.27 -9.60 29.14
C GLN B 100 -2.23 -8.58 28.56
N SER B 101 -3.27 -9.02 27.83
CA SER B 101 -4.35 -8.18 27.26
C SER B 101 -3.81 -6.96 26.49
N GLY B 102 -2.77 -7.19 25.69
CA GLY B 102 -2.14 -6.19 24.84
C GLY B 102 -1.28 -5.14 25.53
N LEU B 103 -1.01 -5.27 26.84
CA LEU B 103 -0.21 -4.31 27.63
C LEU B 103 0.99 -5.03 28.21
N PHE B 104 2.20 -4.57 27.88
CA PHE B 104 3.42 -5.26 28.31
C PHE B 104 4.52 -4.30 28.74
N THR B 105 5.43 -4.82 29.57
CA THR B 105 6.65 -4.14 30.01
C THR B 105 7.83 -5.02 29.61
N GLN B 106 8.81 -4.41 28.90
CA GLN B 106 10.01 -5.06 28.43
C GLN B 106 11.19 -4.75 29.37
N TYR B 107 11.86 -5.80 29.82
CA TYR B 107 13.01 -5.73 30.71
C TYR B 107 14.22 -6.17 29.95
N ASN B 108 15.29 -5.37 29.98
CA ASN B 108 16.55 -5.66 29.28
C ASN B 108 17.52 -6.38 30.16
N ILE B 109 18.07 -7.47 29.65
CA ILE B 109 19.09 -8.23 30.34
C ILE B 109 20.30 -8.15 29.46
N GLN B 110 21.33 -7.40 29.89
CA GLN B 110 22.57 -7.30 29.11
C GLN B 110 23.31 -8.62 29.14
N LYS B 111 23.71 -9.09 27.96
CA LYS B 111 24.46 -10.31 27.77
C LYS B 111 25.90 -9.96 27.35
N LYS B 112 26.79 -10.95 27.35
CA LYS B 112 28.20 -10.76 27.00
C LYS B 112 28.37 -10.39 25.53
N ALA B 113 29.48 -9.68 25.22
CA ALA B 113 29.86 -9.24 23.88
C ALA B 113 29.89 -10.42 22.90
N MET B 114 29.43 -10.18 21.67
CA MET B 114 29.45 -11.19 20.63
C MET B 114 29.66 -10.52 19.28
N THR B 115 30.20 -11.26 18.30
CA THR B 115 30.42 -10.69 16.97
C THR B 115 29.12 -10.80 16.15
N VAL B 116 29.11 -10.17 14.95
CA VAL B 116 27.96 -10.20 14.04
C VAL B 116 27.76 -11.65 13.55
N ARG B 117 28.85 -12.41 13.39
CA ARG B 117 28.82 -13.82 12.99
C ARG B 117 28.07 -14.70 14.04
N GLU B 118 28.43 -14.54 15.33
CA GLU B 118 27.83 -15.28 16.47
C GLU B 118 26.35 -14.98 16.63
N PHE B 119 25.96 -13.68 16.53
CA PHE B 119 24.59 -13.20 16.68
C PHE B 119 23.71 -13.76 15.57
N ARG B 120 24.15 -13.63 14.29
CA ARG B 120 23.49 -14.14 13.06
C ARG B 120 23.25 -15.64 13.19
N LYS B 121 24.21 -16.38 13.78
CA LYS B 121 24.09 -17.83 13.98
C LYS B 121 22.93 -18.11 14.96
N ILE B 122 22.87 -17.40 16.09
CA ILE B 122 21.81 -17.52 17.09
C ILE B 122 20.45 -17.12 16.48
N ALA B 123 20.42 -16.02 15.70
CA ALA B 123 19.23 -15.46 15.05
C ALA B 123 18.59 -16.42 14.06
N ASN B 124 19.41 -17.14 13.26
CA ASN B 124 18.95 -18.06 12.21
C ASN B 124 18.78 -19.49 12.72
N SER B 125 19.05 -19.74 14.02
CA SER B 125 18.88 -21.07 14.62
C SER B 125 17.39 -21.36 14.75
N ASP B 126 17.03 -22.65 14.79
CA ASP B 126 15.65 -23.14 14.89
C ASP B 126 14.89 -22.52 16.05
N LYS B 127 15.57 -22.31 17.19
CA LYS B 127 15.01 -21.75 18.41
C LYS B 127 14.56 -20.28 18.22
N TYR B 128 15.37 -19.45 17.53
CA TYR B 128 15.10 -18.02 17.37
C TYR B 128 14.70 -17.54 15.96
N CYS B 129 14.70 -18.41 14.93
CA CYS B 129 14.36 -17.97 13.56
C CYS B 129 12.88 -17.57 13.44
N THR B 130 12.56 -16.86 12.35
CA THR B 130 11.23 -16.39 12.00
C THR B 130 10.30 -17.60 11.80
N PRO B 131 9.05 -17.57 12.36
CA PRO B 131 8.13 -18.68 12.08
C PRO B 131 7.63 -18.66 10.63
N ARG B 132 7.05 -19.78 10.16
CA ARG B 132 6.49 -19.87 8.82
C ARG B 132 5.21 -19.07 8.79
N TYR B 133 5.00 -18.29 7.71
CA TYR B 133 3.82 -17.45 7.55
C TYR B 133 3.64 -17.07 6.08
N SER B 134 2.41 -16.64 5.70
CA SER B 134 2.10 -16.20 4.34
C SER B 134 1.95 -14.67 4.29
N GLU B 135 0.88 -14.12 4.89
CA GLU B 135 0.62 -12.68 4.93
C GLU B 135 1.27 -12.05 6.17
N PHE B 136 1.56 -10.73 6.09
CA PHE B 136 2.14 -9.95 7.20
C PHE B 136 1.23 -10.00 8.45
N GLU B 137 -0.10 -9.95 8.25
CA GLU B 137 -1.10 -9.98 9.32
C GLU B 137 -0.94 -11.22 10.18
N GLU B 138 -0.51 -12.34 9.56
CA GLU B 138 -0.24 -13.60 10.24
C GLU B 138 1.02 -13.45 11.08
N LEU B 139 2.09 -12.83 10.53
CA LEU B 139 3.33 -12.67 11.29
C LEU B 139 3.09 -11.68 12.45
N GLU B 140 2.34 -10.61 12.19
CA GLU B 140 1.94 -9.61 13.18
C GLU B 140 1.21 -10.27 14.36
N ARG B 141 0.23 -11.15 14.06
CA ARG B 141 -0.58 -11.92 15.02
C ARG B 141 0.31 -12.81 15.88
N LYS B 142 1.30 -13.48 15.27
CA LYS B 142 2.25 -14.35 15.94
C LYS B 142 3.17 -13.55 16.86
N TYR B 143 3.53 -12.31 16.47
CA TYR B 143 4.35 -11.42 17.29
C TYR B 143 3.61 -11.05 18.60
N TRP B 144 2.33 -10.57 18.50
CA TRP B 144 1.53 -10.15 19.64
C TRP B 144 1.08 -11.34 20.52
N LYS B 145 1.06 -12.55 19.95
CA LYS B 145 0.69 -13.75 20.68
C LYS B 145 1.92 -14.34 21.41
N ASN B 146 3.12 -14.21 20.83
CA ASN B 146 4.30 -14.90 21.39
C ASN B 146 5.36 -13.97 21.96
N LEU B 147 5.04 -12.68 22.06
CA LEU B 147 5.87 -11.58 22.58
C LEU B 147 6.55 -11.93 23.92
N THR B 148 5.82 -12.60 24.84
CA THR B 148 6.32 -12.90 26.19
C THR B 148 7.07 -14.24 26.27
N PHE B 149 7.10 -15.02 25.18
CA PHE B 149 7.79 -16.32 25.18
C PHE B 149 9.11 -16.24 24.44
N ASN B 150 10.04 -17.14 24.81
CA ASN B 150 11.38 -17.32 24.23
C ASN B 150 12.08 -15.95 24.00
N PRO B 151 12.47 -15.22 25.07
CA PRO B 151 13.07 -13.89 24.89
C PRO B 151 14.24 -13.84 23.89
N PRO B 152 14.11 -12.98 22.86
CA PRO B 152 15.18 -12.88 21.84
C PRO B 152 16.34 -12.00 22.33
N ILE B 153 17.40 -11.92 21.53
CA ILE B 153 18.57 -11.08 21.80
C ILE B 153 18.63 -9.98 20.72
N TYR B 154 18.79 -8.73 21.17
CA TYR B 154 18.85 -7.56 20.29
C TYR B 154 20.24 -6.98 20.36
N GLY B 155 20.94 -6.96 19.22
CA GLY B 155 22.28 -6.38 19.11
C GLY B 155 22.13 -4.88 18.90
N ALA B 156 21.66 -4.20 19.93
CA ALA B 156 21.25 -2.80 19.89
C ALA B 156 22.33 -1.82 20.37
N ASP B 157 22.21 -0.54 19.92
CA ASP B 157 23.03 0.62 20.32
C ASP B 157 24.50 0.41 20.07
N VAL B 158 24.82 -0.14 18.90
CA VAL B 158 26.22 -0.39 18.53
C VAL B 158 26.76 0.87 17.86
N ASN B 159 27.74 1.50 18.48
CA ASN B 159 28.39 2.68 17.94
C ASN B 159 29.10 2.33 16.65
N GLY B 160 28.68 2.97 15.58
CA GLY B 160 29.28 2.75 14.27
C GLY B 160 28.37 3.01 13.09
N THR B 161 28.97 2.98 11.92
CA THR B 161 28.30 3.19 10.64
C THR B 161 28.72 2.08 9.70
N LEU B 162 27.87 1.76 8.73
CA LEU B 162 28.19 0.79 7.69
C LEU B 162 28.35 1.55 6.35
N TYR B 163 28.21 2.87 6.38
CA TYR B 163 28.37 3.71 5.18
C TYR B 163 29.83 3.81 4.82
N GLU B 164 30.11 3.79 3.51
CA GLU B 164 31.46 3.97 3.00
C GLU B 164 31.76 5.47 3.07
N LYS B 165 33.01 5.85 3.47
CA LYS B 165 33.47 7.21 3.71
C LYS B 165 33.12 8.21 2.60
N HIS B 166 33.06 7.73 1.34
CA HIS B 166 32.81 8.55 0.14
C HIS B 166 31.32 8.86 -0.13
N VAL B 167 30.37 8.18 0.57
CA VAL B 167 28.91 8.36 0.35
C VAL B 167 28.48 9.70 0.96
N ASP B 168 28.08 10.65 0.09
CA ASP B 168 27.69 12.01 0.50
C ASP B 168 26.18 12.23 0.60
N GLU B 169 25.36 11.31 0.08
CA GLU B 169 23.91 11.44 0.09
C GLU B 169 23.35 10.62 1.21
N TRP B 170 22.54 11.26 2.09
CA TRP B 170 21.86 10.68 3.24
C TRP B 170 22.81 9.85 4.14
N ASN B 171 24.05 10.34 4.32
CA ASN B 171 25.03 9.67 5.16
C ASN B 171 24.65 9.98 6.59
N ILE B 172 24.10 8.96 7.28
CA ILE B 172 23.62 8.99 8.66
C ILE B 172 24.73 9.50 9.63
N GLY B 173 26.01 9.31 9.28
CA GLY B 173 27.15 9.77 10.06
C GLY B 173 27.46 11.25 9.92
N ARG B 174 26.91 11.92 8.88
CA ARG B 174 27.15 13.35 8.61
C ARG B 174 26.00 13.98 7.75
N LEU B 175 24.76 14.07 8.31
CA LEU B 175 23.58 14.61 7.61
C LEU B 175 23.64 16.15 7.39
N ARG B 176 24.44 16.84 8.21
CA ARG B 176 24.70 18.30 8.18
C ARG B 176 23.43 19.15 8.41
N THR B 177 22.57 18.75 9.36
CA THR B 177 21.37 19.52 9.76
C THR B 177 21.78 20.48 10.90
N ILE B 178 20.84 21.32 11.39
CA ILE B 178 21.12 22.27 12.48
C ILE B 178 21.39 21.56 13.82
N LEU B 179 21.12 20.23 13.94
CA LEU B 179 21.44 19.48 15.16
C LEU B 179 22.96 19.52 15.45
N ASP B 180 23.77 19.77 14.40
CA ASP B 180 25.23 19.88 14.48
C ASP B 180 25.66 21.08 15.34
N LEU B 181 24.73 22.01 15.64
CA LEU B 181 25.01 23.17 16.49
C LEU B 181 25.34 22.77 17.92
N VAL B 182 24.91 21.58 18.37
CA VAL B 182 25.20 21.03 19.69
C VAL B 182 26.70 20.73 19.80
N GLU B 183 27.25 19.90 18.88
CA GLU B 183 28.67 19.56 18.94
C GLU B 183 29.55 20.77 18.55
N LYS B 184 29.21 21.48 17.45
CA LYS B 184 29.96 22.62 16.92
C LYS B 184 30.21 23.72 17.95
N GLU B 185 29.20 24.01 18.79
CA GLU B 185 29.29 25.08 19.79
C GLU B 185 29.77 24.63 21.18
N SER B 186 29.42 23.40 21.61
CA SER B 186 29.74 22.91 22.95
C SER B 186 30.75 21.74 23.02
N GLY B 187 30.94 21.02 21.91
CA GLY B 187 31.82 19.85 21.84
C GLY B 187 31.16 18.59 22.33
N ILE B 188 29.88 18.70 22.77
CA ILE B 188 29.10 17.59 23.33
C ILE B 188 28.63 16.64 22.21
N THR B 189 29.11 15.40 22.34
CA THR B 189 28.78 14.27 21.48
C THR B 189 27.79 13.39 22.28
N ILE B 190 26.63 13.10 21.68
CA ILE B 190 25.61 12.25 22.30
C ILE B 190 25.43 11.04 21.41
N GLU B 191 26.04 9.91 21.82
CA GLU B 191 26.02 8.60 21.13
C GLU B 191 24.63 8.20 20.69
N GLY B 192 24.51 7.92 19.39
CA GLY B 192 23.23 7.58 18.76
C GLY B 192 22.32 8.76 18.45
N VAL B 193 22.56 9.95 19.07
CA VAL B 193 21.75 11.16 18.86
C VAL B 193 22.41 12.02 17.78
N ASN B 194 23.66 12.47 17.98
CA ASN B 194 24.34 13.19 16.88
CA ASN B 194 24.39 13.23 16.96
C ASN B 194 25.54 12.36 16.39
N THR B 195 25.47 11.02 16.61
CA THR B 195 26.42 9.99 16.14
C THR B 195 25.58 8.76 15.72
N PRO B 196 26.03 7.92 14.77
CA PRO B 196 25.18 6.80 14.36
C PRO B 196 25.25 5.59 15.29
N TYR B 197 24.14 4.85 15.33
CA TYR B 197 23.97 3.59 16.06
C TYR B 197 23.61 2.50 15.06
N LEU B 198 24.08 1.27 15.30
CA LEU B 198 23.75 0.09 14.50
C LEU B 198 22.87 -0.83 15.33
N TYR B 199 21.88 -1.49 14.71
CA TYR B 199 20.94 -2.39 15.36
C TYR B 199 20.86 -3.69 14.60
N PHE B 200 21.33 -4.76 15.22
CA PHE B 200 21.29 -6.12 14.69
C PHE B 200 20.07 -6.79 15.32
N GLY B 201 19.08 -7.09 14.50
CA GLY B 201 17.87 -7.69 14.98
C GLY B 201 17.73 -9.14 14.65
N MET B 202 16.82 -9.79 15.36
CA MET B 202 16.36 -11.14 15.12
C MET B 202 14.84 -11.08 15.29
N TRP B 203 14.15 -12.16 14.93
CA TRP B 203 12.70 -12.25 15.00
C TRP B 203 12.22 -11.91 16.41
N LYS B 204 11.14 -11.07 16.51
CA LYS B 204 10.45 -10.72 17.74
C LYS B 204 11.24 -9.70 18.61
N THR B 205 12.37 -9.14 18.10
CA THR B 205 13.05 -8.07 18.84
C THR B 205 12.19 -6.82 18.65
N SER B 206 11.97 -6.07 19.74
CA SER B 206 11.05 -4.95 19.75
C SER B 206 11.65 -3.63 20.08
N PHE B 207 10.97 -2.57 19.62
CA PHE B 207 11.29 -1.21 20.04
C PHE B 207 9.96 -0.70 20.60
N ALA B 208 9.96 -0.42 21.91
CA ALA B 208 8.78 0.01 22.65
C ALA B 208 8.29 1.39 22.18
N TRP B 209 7.07 1.79 22.61
CA TRP B 209 6.47 3.09 22.27
C TRP B 209 7.28 4.24 22.82
N HIS B 210 7.69 5.16 21.91
CA HIS B 210 8.47 6.33 22.29
C HIS B 210 8.48 7.37 21.18
N THR B 211 8.83 8.61 21.55
CA THR B 211 9.22 9.71 20.71
C THR B 211 10.78 9.73 20.81
N GLU B 212 11.44 10.57 20.00
CA GLU B 212 12.88 10.68 20.09
C GLU B 212 13.29 11.47 21.29
N ASP B 213 14.58 11.33 21.73
CA ASP B 213 15.11 12.19 22.77
C ASP B 213 14.93 13.64 22.33
N MET B 214 14.46 14.52 23.23
CA MET B 214 14.26 15.94 22.95
C MET B 214 13.20 16.19 21.87
N ASP B 215 12.40 15.15 21.55
CA ASP B 215 11.35 15.10 20.51
C ASP B 215 11.95 15.45 19.14
N LEU B 216 13.15 14.93 18.87
CA LEU B 216 13.86 15.17 17.62
C LEU B 216 13.30 14.32 16.49
N TYR B 217 13.84 14.54 15.29
CA TYR B 217 13.61 13.65 14.16
C TYR B 217 14.57 12.46 14.28
N SER B 218 14.29 11.38 13.53
CA SER B 218 15.24 10.29 13.37
C SER B 218 15.15 9.79 11.96
N ILE B 219 16.26 9.24 11.51
CA ILE B 219 16.44 8.60 10.20
C ILE B 219 16.79 7.14 10.51
N ASN B 220 16.17 6.19 9.81
CA ASN B 220 16.50 4.78 10.02
C ASN B 220 16.67 4.12 8.67
N TYR B 221 17.85 3.56 8.42
CA TYR B 221 18.12 2.83 7.17
C TYR B 221 18.28 1.35 7.43
N LEU B 222 17.45 0.50 6.77
CA LEU B 222 17.59 -0.95 6.91
C LEU B 222 18.66 -1.41 5.89
N HIS B 223 19.91 -1.61 6.38
CA HIS B 223 21.07 -2.01 5.57
C HIS B 223 20.83 -3.34 4.84
N PHE B 224 20.37 -4.39 5.55
CA PHE B 224 20.15 -5.71 4.97
C PHE B 224 19.25 -6.56 5.86
N GLY B 225 18.85 -7.71 5.34
CA GLY B 225 18.07 -8.71 6.06
C GLY B 225 16.57 -8.57 5.98
N GLU B 226 15.90 -9.22 6.93
CA GLU B 226 14.46 -9.32 7.06
C GLU B 226 13.84 -7.98 7.45
N PRO B 227 12.54 -7.75 7.13
CA PRO B 227 11.95 -6.44 7.41
C PRO B 227 11.83 -6.06 8.90
N LYS B 228 11.50 -4.79 9.11
CA LYS B 228 11.19 -4.13 10.36
C LYS B 228 9.78 -3.52 10.20
N SER B 229 8.80 -3.95 11.01
CA SER B 229 7.45 -3.37 11.00
C SER B 229 7.35 -2.28 12.07
N TRP B 230 6.63 -1.23 11.71
CA TRP B 230 6.45 -0.04 12.51
C TRP B 230 4.99 0.28 12.74
N TYR B 231 4.69 0.84 13.91
CA TYR B 231 3.40 1.42 14.32
C TYR B 231 3.67 2.89 14.58
N SER B 232 2.75 3.78 14.21
CA SER B 232 2.96 5.22 14.43
C SER B 232 1.69 5.91 14.91
N VAL B 233 1.85 6.84 15.87
CA VAL B 233 0.71 7.64 16.31
C VAL B 233 0.97 9.08 15.82
N PRO B 234 0.01 9.70 15.09
CA PRO B 234 0.22 11.09 14.66
C PRO B 234 0.61 12.05 15.78
N PRO B 235 1.59 12.97 15.61
CA PRO B 235 1.92 13.92 16.69
C PRO B 235 0.71 14.67 17.22
N GLU B 236 -0.30 14.92 16.36
CA GLU B 236 -1.60 15.54 16.71
C GLU B 236 -2.34 14.78 17.81
N HIS B 237 -2.11 13.45 17.93
CA HIS B 237 -2.78 12.57 18.92
C HIS B 237 -1.83 11.94 19.95
N GLY B 238 -0.59 12.44 20.04
CA GLY B 238 0.41 11.94 20.96
C GLY B 238 0.05 12.02 22.44
N LYS B 239 -0.59 13.14 22.82
CA LYS B 239 -1.06 13.39 24.20
C LYS B 239 -2.12 12.36 24.59
N ARG B 240 -2.93 11.90 23.63
CA ARG B 240 -3.97 10.89 23.85
C ARG B 240 -3.32 9.54 24.16
N LEU B 241 -2.25 9.19 23.44
CA LEU B 241 -1.49 7.97 23.70
C LEU B 241 -0.87 8.01 25.11
N GLU B 242 -0.28 9.15 25.51
CA GLU B 242 0.31 9.36 26.85
C GLU B 242 -0.72 9.20 27.97
N ARG B 243 -1.93 9.76 27.79
CA ARG B 243 -3.02 9.65 28.76
C ARG B 243 -3.42 8.20 28.91
N LEU B 244 -3.48 7.47 27.79
CA LEU B 244 -3.80 6.06 27.77
C LEU B 244 -2.74 5.25 28.57
N ALA B 245 -1.44 5.42 28.23
CA ALA B 245 -0.33 4.75 28.89
C ALA B 245 -0.30 5.07 30.40
N LYS B 246 -0.51 6.34 30.77
CA LYS B 246 -0.55 6.81 32.17
C LYS B 246 -1.68 6.09 32.94
N GLY B 247 -2.84 5.87 32.29
CA GLY B 247 -3.96 5.16 32.88
C GLY B 247 -3.68 3.69 33.08
N PHE B 248 -2.98 3.03 32.12
CA PHE B 248 -2.60 1.63 32.19
C PHE B 248 -1.46 1.37 33.16
N PHE B 249 -0.44 2.25 33.23
CA PHE B 249 0.70 2.06 34.13
C PHE B 249 0.75 3.25 35.10
N PRO B 250 -0.24 3.40 36.05
CA PRO B 250 -0.25 4.57 36.94
C PRO B 250 0.92 4.65 37.91
N GLY B 251 1.49 3.50 38.26
CA GLY B 251 2.66 3.43 39.13
C GLY B 251 3.87 4.07 38.49
N SER B 252 4.12 3.70 37.22
CA SER B 252 5.21 4.21 36.38
C SER B 252 5.09 5.72 36.15
N ALA B 253 3.87 6.18 35.85
CA ALA B 253 3.57 7.59 35.59
C ALA B 253 3.79 8.44 36.84
N GLN B 254 3.58 7.87 38.04
CA GLN B 254 3.79 8.57 39.31
C GLN B 254 5.29 8.75 39.62
N SER B 255 6.13 7.78 39.22
CA SER B 255 7.59 7.79 39.46
C SER B 255 8.37 8.68 38.45
N CYS B 256 7.79 8.85 37.26
CA CYS B 256 8.38 9.60 36.16
C CYS B 256 7.26 10.02 35.20
N GLU B 257 7.05 11.35 35.00
CA GLU B 257 5.99 11.81 34.07
C GLU B 257 6.22 11.24 32.65
N ALA B 258 7.51 11.33 32.19
CA ALA B 258 7.96 10.84 30.90
C ALA B 258 8.45 9.36 30.96
N PHE B 259 7.69 8.45 31.62
CA PHE B 259 8.13 7.05 31.75
C PHE B 259 8.26 6.34 30.39
N LEU B 260 7.51 6.79 29.34
CA LEU B 260 7.60 6.17 28.00
C LEU B 260 8.99 6.32 27.41
N ARG B 261 9.77 7.32 27.88
CA ARG B 261 11.16 7.56 27.45
C ARG B 261 12.07 6.44 27.94
N HIS B 262 11.60 5.58 28.89
CA HIS B 262 12.39 4.42 29.37
C HIS B 262 12.41 3.33 28.31
N LYS B 263 11.50 3.43 27.31
CA LYS B 263 11.38 2.54 26.16
C LYS B 263 11.13 1.08 26.62
N MET B 264 10.20 0.89 27.57
CA MET B 264 9.82 -0.41 28.16
C MET B 264 8.35 -0.75 27.93
N THR B 265 7.58 0.15 27.36
CA THR B 265 6.13 0.00 27.25
C THR B 265 5.70 -0.42 25.86
N LEU B 266 5.11 -1.62 25.78
CA LEU B 266 4.58 -2.24 24.57
C LEU B 266 3.07 -2.27 24.70
N ILE B 267 2.38 -1.80 23.65
CA ILE B 267 0.92 -1.68 23.57
C ILE B 267 0.51 -2.15 22.18
N SER B 268 -0.31 -3.20 22.12
CA SER B 268 -0.76 -3.79 20.87
C SER B 268 -1.68 -2.86 20.06
N PRO B 269 -1.71 -2.99 18.71
CA PRO B 269 -2.65 -2.16 17.92
C PRO B 269 -4.13 -2.39 18.27
N LEU B 270 -4.47 -3.55 18.80
CA LEU B 270 -5.84 -3.87 19.20
C LEU B 270 -6.25 -3.03 20.42
N MET B 271 -5.33 -2.79 21.35
CA MET B 271 -5.57 -1.92 22.49
C MET B 271 -5.67 -0.46 22.05
N LEU B 272 -4.89 -0.05 21.05
CA LEU B 272 -5.01 1.31 20.53
C LEU B 272 -6.37 1.52 19.88
N LYS B 273 -6.80 0.54 19.08
CA LYS B 273 -8.07 0.53 18.37
C LYS B 273 -9.23 0.60 19.40
N LYS B 274 -9.15 -0.23 20.47
CA LYS B 274 -10.15 -0.31 21.54
C LYS B 274 -10.35 1.05 22.28
N TYR B 275 -9.27 1.81 22.49
CA TYR B 275 -9.31 3.06 23.25
C TYR B 275 -9.37 4.30 22.34
N GLY B 276 -9.60 4.06 21.05
CA GLY B 276 -9.77 5.12 20.06
C GLY B 276 -8.55 5.96 19.76
N ILE B 277 -7.32 5.40 19.91
CA ILE B 277 -6.08 6.11 19.56
C ILE B 277 -5.80 5.93 18.05
N PRO B 278 -5.79 7.01 17.24
CA PRO B 278 -5.49 6.84 15.79
C PRO B 278 -4.02 6.42 15.57
N PHE B 279 -3.80 5.47 14.68
CA PHE B 279 -2.44 5.00 14.39
C PHE B 279 -2.40 4.39 12.99
N ASP B 280 -1.19 4.22 12.46
CA ASP B 280 -1.01 3.57 11.17
C ASP B 280 0.15 2.58 11.32
N LYS B 281 0.30 1.67 10.36
CA LYS B 281 1.37 0.68 10.40
C LYS B 281 2.06 0.63 9.04
N VAL B 282 3.36 0.29 9.04
CA VAL B 282 4.16 0.21 7.83
C VAL B 282 5.29 -0.79 8.07
N THR B 283 5.69 -1.50 7.02
CA THR B 283 6.78 -2.45 7.03
C THR B 283 7.88 -1.86 6.17
N GLN B 284 9.09 -1.77 6.73
CA GLN B 284 10.30 -1.26 6.10
C GLN B 284 11.11 -2.44 5.56
N GLU B 285 11.45 -2.42 4.26
CA GLU B 285 12.25 -3.50 3.62
C GLU B 285 13.71 -3.09 3.58
N ALA B 286 14.62 -4.06 3.38
CA ALA B 286 16.05 -3.75 3.26
C ALA B 286 16.24 -2.72 2.13
N GLY B 287 17.11 -1.75 2.37
CA GLY B 287 17.39 -0.68 1.42
C GLY B 287 16.45 0.50 1.51
N GLU B 288 15.53 0.51 2.50
CA GLU B 288 14.59 1.61 2.70
C GLU B 288 14.89 2.46 3.94
N PHE B 289 14.51 3.74 3.88
CA PHE B 289 14.62 4.67 4.99
C PHE B 289 13.28 4.95 5.61
N MET B 290 13.28 5.15 6.92
CA MET B 290 12.13 5.59 7.71
C MET B 290 12.53 6.87 8.37
N ILE B 291 11.66 7.86 8.33
CA ILE B 291 11.87 9.14 9.00
C ILE B 291 10.81 9.23 10.08
N THR B 292 11.22 9.53 11.31
CA THR B 292 10.28 9.81 12.39
C THR B 292 10.34 11.33 12.58
N PHE B 293 9.19 11.92 12.86
CA PHE B 293 9.04 13.36 12.99
C PHE B 293 8.90 13.78 14.44
N PRO B 294 9.22 15.06 14.79
CA PRO B 294 9.09 15.50 16.18
C PRO B 294 7.72 15.18 16.80
N TYR B 295 7.77 14.54 17.98
CA TYR B 295 6.63 14.14 18.82
C TYR B 295 5.78 13.02 18.15
N GLY B 296 6.41 12.26 17.27
CA GLY B 296 5.78 11.12 16.62
C GLY B 296 6.08 9.87 17.42
N TYR B 297 5.07 9.33 18.11
CA TYR B 297 5.22 8.08 18.86
C TYR B 297 5.28 6.93 17.91
N HIS B 298 6.27 6.04 18.09
CA HIS B 298 6.40 4.86 17.24
C HIS B 298 6.89 3.65 18.07
N ALA B 299 6.57 2.47 17.58
CA ALA B 299 6.94 1.15 18.11
C ALA B 299 6.99 0.16 16.96
N GLY B 300 7.49 -1.03 17.25
CA GLY B 300 7.55 -2.07 16.25
C GLY B 300 8.42 -3.23 16.64
N PHE B 301 8.76 -4.03 15.62
CA PHE B 301 9.52 -5.25 15.76
C PHE B 301 10.21 -5.62 14.49
N ASN B 302 11.24 -6.47 14.62
CA ASN B 302 12.02 -7.05 13.51
C ASN B 302 11.45 -8.40 13.14
N HIS B 303 11.43 -8.72 11.82
CA HIS B 303 10.87 -9.96 11.28
C HIS B 303 11.85 -11.10 11.41
N GLY B 304 13.12 -10.80 11.33
CA GLY B 304 14.18 -11.78 11.44
C GLY B 304 15.49 -11.06 11.49
N PHE B 305 16.57 -11.77 11.11
CA PHE B 305 17.94 -11.24 11.13
C PHE B 305 18.07 -10.07 10.16
N ASN B 306 18.54 -8.92 10.68
CA ASN B 306 18.69 -7.69 9.89
C ASN B 306 19.65 -6.75 10.55
N CYS B 307 19.97 -5.66 9.84
CA CYS B 307 20.83 -4.63 10.37
C CYS B 307 20.30 -3.30 9.96
N ALA B 308 20.13 -2.40 10.94
CA ALA B 308 19.64 -1.04 10.72
C ALA B 308 20.61 -0.01 11.29
N GLU B 309 20.68 1.16 10.66
CA GLU B 309 21.50 2.29 11.10
C GLU B 309 20.58 3.48 11.35
N SER B 310 20.80 4.19 12.46
CA SER B 310 19.98 5.33 12.82
C SER B 310 20.74 6.40 13.59
N THR B 311 20.21 7.62 13.56
CA THR B 311 20.68 8.80 14.28
C THR B 311 19.50 9.78 14.38
N ASN B 312 19.70 10.90 15.09
CA ASN B 312 18.69 11.95 15.19
C ASN B 312 19.11 13.14 14.33
N PHE B 313 18.17 14.02 14.02
CA PHE B 313 18.48 15.21 13.22
C PHE B 313 17.44 16.25 13.56
N ALA B 314 17.67 17.49 13.15
CA ALA B 314 16.76 18.58 13.44
C ALA B 314 16.47 19.38 12.18
N THR B 315 15.38 20.19 12.22
CA THR B 315 14.98 21.23 11.27
C THR B 315 14.67 22.43 12.14
N ARG B 316 14.37 23.61 11.55
CA ARG B 316 13.98 24.82 12.29
C ARG B 316 12.65 24.59 13.06
N ARG B 317 11.79 23.69 12.52
CA ARG B 317 10.49 23.36 13.11
C ARG B 317 10.70 22.61 14.45
N TRP B 318 11.80 21.83 14.57
CA TRP B 318 12.08 21.07 15.79
C TRP B 318 12.36 21.97 17.04
N ILE B 319 12.99 23.14 16.87
CA ILE B 319 13.40 24.02 17.98
C ILE B 319 12.29 24.20 19.01
N GLU B 320 11.08 24.53 18.56
CA GLU B 320 9.92 24.68 19.43
C GLU B 320 9.54 23.37 20.16
N TYR B 321 9.73 22.22 19.51
CA TYR B 321 9.52 20.90 20.11
C TYR B 321 10.58 20.62 21.19
N GLY B 322 11.84 20.98 20.92
CA GLY B 322 12.96 20.82 21.86
C GLY B 322 12.72 21.61 23.13
N LYS B 323 12.22 22.84 22.96
CA LYS B 323 11.89 23.79 24.04
C LYS B 323 10.74 23.29 24.96
N GLN B 324 9.80 22.53 24.42
CA GLN B 324 8.62 22.07 25.15
C GLN B 324 8.65 20.58 25.50
N ALA B 325 9.74 19.88 25.16
CA ALA B 325 9.86 18.42 25.39
C ALA B 325 9.76 18.07 26.88
N VAL B 326 8.89 17.11 27.25
CA VAL B 326 8.75 16.66 28.64
C VAL B 326 9.81 15.57 28.79
N LEU B 327 10.77 15.81 29.67
CA LEU B 327 11.89 14.89 29.79
C LEU B 327 11.79 13.95 30.98
N CYS B 328 12.56 12.87 30.92
CA CYS B 328 12.67 11.91 31.99
C CYS B 328 13.45 12.54 33.13
N SER B 329 12.81 12.58 34.29
CA SER B 329 13.32 13.13 35.54
C SER B 329 14.21 12.10 36.29
N CYS B 330 13.61 10.93 36.62
CA CYS B 330 14.04 9.80 37.44
C CYS B 330 15.40 9.14 37.08
N ARG B 331 15.96 9.35 35.87
CA ARG B 331 17.20 8.68 35.52
C ARG B 331 18.35 9.65 35.25
N LYS B 332 19.56 9.24 35.68
CA LYS B 332 20.81 9.97 35.46
C LYS B 332 21.35 9.55 34.10
N ASP B 333 22.06 10.46 33.40
CA ASP B 333 22.64 10.26 32.06
C ASP B 333 21.53 10.21 30.95
N MET B 334 20.31 10.71 31.27
CA MET B 334 19.22 10.80 30.28
C MET B 334 19.52 11.98 29.40
N VAL B 335 19.25 11.86 28.09
CA VAL B 335 19.58 12.87 27.08
C VAL B 335 18.76 14.17 27.27
N LYS B 336 19.52 15.26 27.53
CA LYS B 336 19.03 16.61 27.72
C LYS B 336 19.98 17.57 26.97
N ILE B 337 19.46 18.16 25.91
CA ILE B 337 20.15 19.13 25.07
C ILE B 337 19.77 20.53 25.56
N SER B 338 20.75 21.41 25.70
CA SER B 338 20.55 22.80 26.05
C SER B 338 19.99 23.51 24.79
N MET B 339 18.80 24.12 24.91
CA MET B 339 18.12 24.76 23.77
C MET B 339 18.61 26.18 23.52
N ASP B 340 19.37 26.74 24.48
CA ASP B 340 19.88 28.08 24.50
CA ASP B 340 19.87 28.10 24.50
C ASP B 340 20.50 28.52 23.17
N VAL B 341 21.42 27.71 22.61
CA VAL B 341 22.11 27.98 21.34
C VAL B 341 21.10 28.12 20.15
N PHE B 342 20.00 27.33 20.14
CA PHE B 342 18.99 27.32 19.06
C PHE B 342 18.08 28.54 19.11
N VAL B 343 17.65 28.93 20.32
CA VAL B 343 16.80 30.09 20.57
C VAL B 343 17.60 31.36 20.24
N ARG B 344 18.83 31.45 20.74
CA ARG B 344 19.73 32.57 20.49
C ARG B 344 19.91 32.81 18.99
N LYS B 345 20.22 31.75 18.21
CA LYS B 345 20.50 31.82 16.78
C LYS B 345 19.22 31.96 15.93
N PHE B 346 18.20 31.10 16.12
CA PHE B 346 17.02 31.12 15.24
C PHE B 346 15.80 31.88 15.74
N GLN B 347 15.71 32.16 17.06
CA GLN B 347 14.61 32.94 17.61
C GLN B 347 15.15 34.12 18.46
N PRO B 348 16.03 35.02 17.92
CA PRO B 348 16.61 36.08 18.77
C PRO B 348 15.61 37.01 19.43
N GLU B 349 14.47 37.26 18.73
CA GLU B 349 13.41 38.13 19.20
C GLU B 349 12.62 37.48 20.34
N ARG B 350 12.78 36.15 20.56
CA ARG B 350 12.08 35.39 21.59
CA ARG B 350 12.06 35.45 21.62
C ARG B 350 13.00 35.01 22.75
N TYR B 351 14.30 35.19 22.57
CA TYR B 351 15.33 34.80 23.52
C TYR B 351 15.19 35.35 24.96
N LYS B 352 15.04 36.67 25.13
CA LYS B 352 14.87 37.33 26.43
C LYS B 352 13.60 36.77 27.12
N LEU B 353 12.49 36.68 26.37
CA LEU B 353 11.21 36.16 26.85
C LEU B 353 11.35 34.71 27.33
N TRP B 354 11.93 33.84 26.48
CA TRP B 354 12.17 32.43 26.75
C TRP B 354 13.04 32.24 28.01
N LYS B 355 14.17 32.99 28.13
CA LYS B 355 15.09 32.95 29.28
C LYS B 355 14.35 33.25 30.60
N ALA B 356 13.39 34.17 30.55
CA ALA B 356 12.56 34.60 31.68
C ALA B 356 11.40 33.61 31.95
N GLY B 357 11.23 32.61 31.09
CA GLY B 357 10.18 31.59 31.21
C GLY B 357 8.79 32.09 30.84
N LYS B 358 8.71 33.20 30.08
CA LYS B 358 7.45 33.84 29.67
C LYS B 358 7.04 33.55 28.18
N ASP B 359 7.79 32.66 27.45
CA ASP B 359 7.48 32.26 26.07
C ASP B 359 6.39 31.17 26.09
N ASN B 360 5.15 31.53 25.69
CA ASN B 360 3.98 30.62 25.75
C ASN B 360 3.50 30.18 24.34
N THR B 361 4.44 29.97 23.40
CA THR B 361 4.18 29.49 22.04
C THR B 361 3.50 28.11 22.11
N VAL B 362 2.41 27.95 21.33
CA VAL B 362 1.63 26.74 21.20
C VAL B 362 2.04 26.08 19.89
N ILE B 363 2.41 24.77 19.94
CA ILE B 363 2.82 24.08 18.72
C ILE B 363 1.59 23.61 17.93
N ASP B 364 1.62 23.87 16.62
CA ASP B 364 0.68 23.38 15.64
C ASP B 364 1.42 22.27 14.88
N HIS B 365 1.02 21.03 15.16
CA HIS B 365 1.61 19.80 14.61
C HIS B 365 1.35 19.60 13.11
N THR B 366 0.41 20.35 12.54
CA THR B 366 0.04 20.20 11.13
C THR B 366 0.99 21.00 10.21
N LEU B 367 1.59 22.07 10.76
CA LEU B 367 2.44 23.01 10.02
C LEU B 367 3.77 22.42 9.59
N PRO B 368 4.16 22.63 8.31
CA PRO B 368 5.47 22.13 7.85
C PRO B 368 6.59 23.07 8.29
N THR B 369 7.86 22.59 8.21
CA THR B 369 9.05 23.36 8.60
C THR B 369 9.17 24.63 7.71
N PRO B 370 9.64 25.79 8.25
CA PRO B 370 9.73 27.01 7.40
C PRO B 370 10.51 26.83 6.09
N GLU B 371 11.52 25.91 6.04
CA GLU B 371 12.38 25.62 4.88
C GLU B 371 11.59 25.05 3.66
N ALA B 372 10.33 24.61 3.88
CA ALA B 372 9.41 24.04 2.88
C ALA B 372 8.66 25.11 2.09
N ALA B 373 8.79 26.41 2.49
CA ALA B 373 8.14 27.57 1.86
C ALA B 373 8.29 27.59 0.32
N GLU B 374 9.47 27.19 -0.20
CA GLU B 374 9.78 27.11 -1.63
C GLU B 374 8.93 26.05 -2.38
N PHE B 375 8.41 25.03 -1.67
CA PHE B 375 7.57 23.96 -2.23
C PHE B 375 6.06 24.19 -1.96
N LEU B 376 5.68 25.39 -1.44
CA LEU B 376 4.29 25.71 -1.09
C LEU B 376 3.82 27.02 -1.75
#